data_2WMK
#
_entry.id   2WMK
#
_cell.length_a   97.900
_cell.length_b   153.700
_cell.length_c   90.880
_cell.angle_alpha   90.00
_cell.angle_beta   90.00
_cell.angle_gamma   90.00
#
_symmetry.space_group_name_H-M   'P 21 21 2'
#
loop_
_entity.id
_entity.type
_entity.pdbx_description
1 polymer 'FUCOLECTIN-RELATED PROTEIN'
2 branched alpha-L-fucopyranose-(1-2)-[2-acetamido-2-deoxy-alpha-D-galactopyranose-(1-3)]beta-D-galactopyranose-(1-4)-[alpha-L-fucopyranose-(1-3)]2-acetamido-2-deoxy-beta-D-glucopyranose
3 water water
#
_entity_poly.entity_id   1
_entity_poly.type   'polypeptide(L)'
_entity_poly.pdbx_seq_one_letter_code
;MGSSHHHHHHSSGLVPRGSHMASEVDKRREINNEHPLLMMPLYANGEEFNQGKYTFWGGDTLTGKWENIPDDLKPYTVIQ
LHPDDLPKRDGAARDFYEHMLEEAAKYVNPKTGKNEPIPVILTVYTAGNMPYYTSAHWLSTSWIDKMYQKYPNLHGIFST
ANYWIWANDIENKAADYLKVSAKNGGYFIWAEQNNGSAIEKAFGKNGKIAFQKSVDKYWKNLIFMFKNTPAAEGNDSTTE
SYMKGLWLSNHTYQWGGLMDTWKWYETGKWKLFASGNIGKSQGDRQWLTEPESMLGEEALGVYLNGGVVYNFEHPAYTYG
VNNKESLLFSEVIKEFFRYVIAHPAPSKEKVLEDTKVFIHGDYSNKGNGKFFVNVNTDREQTPLYMTGRYNVIPAIPGVL
KTDKLKESVSSSRIQIKEITSPEFSSTQARKEYLNKLYPMNYEGDIFAQKLDNRWFVYNYKVNENVKQTGKLKFNSLEMN
VEFEPHTYGIFERISNGLKVNLNNFRTNKDSLWSNAQDANQAKKLPQLTKKGAIKWIEEHYIKDTQFGEKRVTKIVLRGI
DKLPTIHSLSGTNNSYDQPSLNFDQKNHMVTITINSNGNLEFELHF
;
_entity_poly.pdbx_strand_id   A,B
#
loop_
_chem_comp.id
_chem_comp.type
_chem_comp.name
_chem_comp.formula
A2G D-saccharide, alpha linking 2-acetamido-2-deoxy-alpha-D-galactopyranose 'C8 H15 N O6'
FUC L-saccharide, alpha linking alpha-L-fucopyranose 'C6 H12 O5'
GAL D-saccharide, beta linking beta-D-galactopyranose 'C6 H12 O6'
NAG D-saccharide, beta linking 2-acetamido-2-deoxy-beta-D-glucopyranose 'C8 H15 N O6'
#
# COMPACT_ATOMS: atom_id res chain seq x y z
N VAL A 25 -1.92 3.83 10.25
CA VAL A 25 -2.38 2.40 10.13
C VAL A 25 -1.77 1.51 11.22
N ASP A 26 -0.49 1.71 11.58
CA ASP A 26 0.08 0.88 12.66
C ASP A 26 -0.71 1.06 13.98
N LYS A 27 -1.16 -0.06 14.57
CA LYS A 27 -1.97 -0.04 15.80
C LYS A 27 -1.16 0.46 16.95
N ARG A 28 -1.79 1.24 17.81
CA ARG A 28 -1.05 1.80 18.95
C ARG A 28 -0.80 0.79 20.05
N ARG A 29 -1.61 -0.27 20.09
CA ARG A 29 -1.43 -1.37 21.05
C ARG A 29 -2.06 -2.61 20.44
N GLU A 30 -1.68 -3.76 20.97
CA GLU A 30 -2.32 -5.00 20.60
C GLU A 30 -3.42 -5.28 21.62
N ILE A 31 -4.55 -5.80 21.13
CA ILE A 31 -5.63 -6.32 21.97
C ILE A 31 -6.01 -7.66 21.37
N ASN A 32 -5.69 -8.73 22.07
CA ASN A 32 -6.06 -10.07 21.62
C ASN A 32 -5.91 -11.05 22.78
N ASN A 33 -6.05 -12.35 22.52
CA ASN A 33 -6.02 -13.34 23.60
C ASN A 33 -4.72 -13.34 24.39
N GLU A 34 -3.60 -13.06 23.72
CA GLU A 34 -2.27 -13.00 24.37
C GLU A 34 -2.01 -11.64 25.01
N HIS A 35 -2.75 -10.63 24.53
CA HIS A 35 -2.64 -9.26 25.05
C HIS A 35 -4.03 -8.75 25.44
N PRO A 36 -4.69 -9.33 26.49
CA PRO A 36 -6.03 -8.89 26.81
C PRO A 36 -5.99 -7.45 27.37
N LEU A 37 -7.15 -6.86 27.63
CA LEU A 37 -7.18 -5.47 28.05
C LEU A 37 -8.12 -5.36 29.21
N LEU A 38 -7.62 -4.76 30.28
CA LEU A 38 -8.45 -4.38 31.41
C LEU A 38 -8.59 -2.87 31.44
N MET A 39 -9.83 -2.37 31.28
CA MET A 39 -10.08 -0.90 31.32
C MET A 39 -10.15 -0.44 32.78
N MET A 40 -9.54 0.70 33.09
CA MET A 40 -9.43 1.16 34.50
C MET A 40 -10.08 2.53 34.58
N PRO A 41 -11.38 2.56 34.91
CA PRO A 41 -12.12 3.82 34.77
C PRO A 41 -11.82 4.85 35.88
N LEU A 42 -11.77 6.11 35.49
CA LEU A 42 -11.60 7.28 36.36
C LEU A 42 -12.68 8.31 35.97
N TYR A 43 -13.61 8.59 36.90
CA TYR A 43 -14.81 9.43 36.63
C TYR A 43 -14.59 10.85 37.18
N ALA A 44 -14.67 11.86 36.30
CA ALA A 44 -14.48 13.28 36.65
C ALA A 44 -15.46 13.80 37.68
N ASN A 45 -14.96 14.55 38.65
CA ASN A 45 -15.83 15.24 39.61
C ASN A 45 -16.22 16.62 39.09
N GLY A 46 -17.44 16.76 38.57
CA GLY A 46 -17.90 18.05 38.01
C GLY A 46 -18.01 19.24 38.99
N GLU A 47 -18.48 18.98 40.20
CA GLU A 47 -18.54 19.98 41.29
C GLU A 47 -17.15 20.60 41.52
N GLU A 48 -16.14 19.73 41.69
CA GLU A 48 -14.74 20.19 41.88
C GLU A 48 -14.18 20.91 40.64
N PHE A 49 -14.52 20.43 39.45
CA PHE A 49 -14.16 21.13 38.20
C PHE A 49 -14.67 22.60 38.13
N ASN A 50 -15.90 22.83 38.55
CA ASN A 50 -16.43 24.19 38.60
C ASN A 50 -15.60 25.13 39.51
N GLN A 51 -15.02 24.53 40.57
CA GLN A 51 -14.11 25.21 41.53
C GLN A 51 -12.63 25.30 41.08
N GLY A 52 -12.38 24.91 39.84
CA GLY A 52 -11.08 24.92 39.20
C GLY A 52 -10.17 23.80 39.65
N LYS A 53 -10.74 22.71 40.18
CA LYS A 53 -9.94 21.56 40.57
C LYS A 53 -10.21 20.36 39.65
N TYR A 54 -9.18 19.53 39.41
CA TYR A 54 -9.25 18.44 38.45
C TYR A 54 -9.11 17.14 39.25
N THR A 55 -10.26 16.52 39.58
CA THR A 55 -10.27 15.40 40.51
C THR A 55 -11.30 14.37 40.01
N PHE A 56 -11.20 13.17 40.58
CA PHE A 56 -12.09 12.05 40.25
C PHE A 56 -12.91 11.65 41.47
N TRP A 57 -14.16 11.26 41.23
CA TRP A 57 -15.00 10.68 42.26
C TRP A 57 -14.30 9.48 42.84
N GLY A 58 -14.25 9.42 44.15
CA GLY A 58 -13.61 8.30 44.80
C GLY A 58 -12.19 8.57 45.26
N GLY A 59 -11.64 9.71 44.85
CA GLY A 59 -10.33 10.16 45.34
C GLY A 59 -9.11 9.56 44.66
N ASP A 60 -9.28 8.68 43.67
CA ASP A 60 -8.14 8.25 42.84
C ASP A 60 -7.52 9.46 42.12
N THR A 61 -6.23 9.38 41.80
CA THR A 61 -5.60 10.35 40.91
C THR A 61 -5.10 9.61 39.73
N LEU A 62 -4.90 10.29 38.60
CA LEU A 62 -4.44 9.56 37.44
C LEU A 62 -3.07 8.90 37.72
N THR A 63 -2.13 9.70 38.22
CA THR A 63 -0.74 9.21 38.47
C THR A 63 -0.70 8.11 39.57
N GLY A 64 -1.40 8.37 40.68
CA GLY A 64 -1.46 7.45 41.83
C GLY A 64 -2.09 6.12 41.42
N LYS A 65 -3.16 6.19 40.65
CA LYS A 65 -3.88 4.99 40.19
C LYS A 65 -2.98 4.12 39.31
N TRP A 66 -2.37 4.74 38.29
CA TRP A 66 -1.40 4.03 37.45
C TRP A 66 -0.26 3.39 38.26
N GLU A 67 0.28 4.16 39.20
CA GLU A 67 1.41 3.67 39.97
C GLU A 67 1.04 2.48 40.79
N ASN A 68 -0.21 2.42 41.27
CA ASN A 68 -0.64 1.33 42.13
C ASN A 68 -1.03 0.09 41.34
N ILE A 69 -1.14 0.18 40.01
CA ILE A 69 -1.41 -1.01 39.20
C ILE A 69 -0.19 -1.97 39.28
N PRO A 70 -0.41 -3.26 39.62
CA PRO A 70 0.75 -4.14 39.67
C PRO A 70 1.52 -4.06 38.35
N ASP A 71 2.86 -4.05 38.43
CA ASP A 71 3.70 -3.94 37.27
C ASP A 71 3.43 -5.02 36.21
N ASP A 72 3.10 -6.24 36.64
CA ASP A 72 2.88 -7.31 35.64
C ASP A 72 1.62 -7.01 34.81
N LEU A 73 0.73 -6.21 35.39
CA LEU A 73 -0.56 -5.85 34.75
C LEU A 73 -0.55 -4.58 33.93
N LYS A 74 0.45 -3.73 34.15
CA LYS A 74 0.53 -2.48 33.42
C LYS A 74 0.53 -2.65 31.90
N PRO A 75 1.19 -3.70 31.36
CA PRO A 75 1.14 -3.79 29.90
C PRO A 75 -0.24 -4.15 29.32
N TYR A 76 -1.19 -4.51 30.17
CA TYR A 76 -2.52 -4.97 29.73
C TYR A 76 -3.66 -4.07 30.31
N THR A 77 -3.29 -2.95 30.90
CA THR A 77 -4.26 -2.07 31.59
C THR A 77 -4.24 -0.69 30.95
N VAL A 78 -5.41 -0.06 30.73
CA VAL A 78 -5.39 1.29 30.16
C VAL A 78 -6.34 2.16 30.98
N ILE A 79 -5.91 3.39 31.31
CA ILE A 79 -6.79 4.28 32.08
C ILE A 79 -7.95 4.78 31.19
N GLN A 80 -9.19 4.61 31.63
CA GLN A 80 -10.37 5.06 30.87
C GLN A 80 -10.96 6.30 31.58
N LEU A 81 -10.74 7.49 31.02
CA LEU A 81 -11.30 8.70 31.61
C LEU A 81 -12.77 8.78 31.24
N HIS A 82 -13.64 9.19 32.18
CA HIS A 82 -15.09 9.29 31.90
C HIS A 82 -15.50 10.67 32.41
N PRO A 83 -16.33 11.40 31.65
CA PRO A 83 -16.60 12.79 32.08
C PRO A 83 -17.70 12.91 33.16
N ASP A 84 -18.34 11.79 33.51
CA ASP A 84 -19.34 11.72 34.59
C ASP A 84 -20.18 13.00 34.66
N ASP A 85 -20.08 13.73 35.76
CA ASP A 85 -20.97 14.87 35.92
C ASP A 85 -20.29 16.24 35.71
N LEU A 86 -19.26 16.28 34.87
CA LEU A 86 -18.77 17.55 34.38
C LEU A 86 -19.93 18.42 33.88
N PRO A 87 -19.81 19.75 34.08
CA PRO A 87 -20.84 20.70 33.57
C PRO A 87 -21.26 20.39 32.16
N LYS A 88 -22.57 20.40 31.89
CA LYS A 88 -23.04 20.07 30.54
C LYS A 88 -23.04 21.34 29.66
N ARG A 89 -21.85 21.73 29.24
CA ARG A 89 -21.69 22.93 28.41
C ARG A 89 -20.41 22.77 27.61
N ASP A 90 -20.25 23.60 26.57
CA ASP A 90 -19.06 23.52 25.74
C ASP A 90 -17.78 23.78 26.53
N GLY A 91 -16.72 23.02 26.25
CA GLY A 91 -15.42 23.30 26.85
C GLY A 91 -15.05 22.56 28.12
N ALA A 92 -16.05 22.15 28.91
CA ALA A 92 -15.78 21.47 30.21
C ALA A 92 -15.04 20.16 29.98
N ALA A 93 -15.58 19.30 29.12
CA ALA A 93 -14.93 18.01 28.89
C ALA A 93 -13.57 18.15 28.16
N ARG A 94 -13.50 19.04 27.17
CA ARG A 94 -12.19 19.29 26.48
C ARG A 94 -11.17 19.74 27.51
N ASP A 95 -11.55 20.67 28.40
CA ASP A 95 -10.61 21.21 29.42
C ASP A 95 -10.09 20.09 30.36
N PHE A 96 -11.03 19.36 30.96
CA PHE A 96 -10.66 18.28 31.87
C PHE A 96 -9.82 17.20 31.18
N TYR A 97 -10.24 16.78 29.99
CA TYR A 97 -9.51 15.75 29.22
C TYR A 97 -8.10 16.20 28.81
N GLU A 98 -7.96 17.44 28.31
CA GLU A 98 -6.62 17.96 28.00
C GLU A 98 -5.71 18.00 29.22
N HIS A 99 -6.26 18.44 30.38
CA HIS A 99 -5.50 18.45 31.61
C HIS A 99 -4.96 17.04 31.95
N MET A 100 -5.85 16.06 31.84
CA MET A 100 -5.50 14.67 32.18
C MET A 100 -4.57 14.03 31.19
N LEU A 101 -4.74 14.35 29.91
CA LEU A 101 -3.86 13.78 28.88
C LEU A 101 -2.45 14.32 29.07
N GLU A 102 -2.35 15.59 29.49
CA GLU A 102 -1.04 16.16 29.81
C GLU A 102 -0.38 15.47 30.95
N GLU A 103 -1.13 15.23 32.03
CA GLU A 103 -0.62 14.52 33.18
C GLU A 103 -0.16 13.12 32.76
N ALA A 104 -0.95 12.42 31.95
CA ALA A 104 -0.61 11.08 31.50
C ALA A 104 0.69 11.09 30.69
N ALA A 105 0.77 12.02 29.75
CA ALA A 105 1.88 12.15 28.83
C ALA A 105 3.20 12.49 29.53
N LYS A 106 3.16 13.30 30.59
CA LYS A 106 4.43 13.68 31.23
C LYS A 106 4.83 12.81 32.41
N TYR A 107 4.09 11.75 32.69
CA TYR A 107 4.42 10.89 33.83
C TYR A 107 5.87 10.34 33.79
N VAL A 108 6.53 10.40 34.93
CA VAL A 108 7.91 9.88 35.07
C VAL A 108 7.89 8.71 36.05
N ASN A 109 8.34 7.55 35.58
CA ASN A 109 8.50 6.36 36.42
C ASN A 109 9.48 6.66 37.56
N PRO A 110 8.98 6.65 38.82
CA PRO A 110 9.48 7.32 40.04
C PRO A 110 10.94 7.33 40.54
N LYS A 111 11.63 6.25 40.94
CA LYS A 111 11.81 4.89 40.36
C LYS A 111 12.93 4.87 39.31
N THR A 112 12.59 4.81 38.02
CA THR A 112 13.63 4.74 36.98
C THR A 112 13.95 6.07 36.30
N GLY A 113 13.29 7.15 36.73
CA GLY A 113 13.42 8.48 36.09
C GLY A 113 13.03 8.60 34.61
N LYS A 114 12.57 7.51 33.99
CA LYS A 114 12.17 7.55 32.59
C LYS A 114 10.76 8.15 32.48
N ASN A 115 10.58 9.05 31.50
CA ASN A 115 9.23 9.49 31.08
C ASN A 115 8.54 8.32 30.42
N GLU A 116 7.49 7.83 31.08
CA GLU A 116 6.71 6.70 30.56
C GLU A 116 5.24 7.09 30.49
N PRO A 117 4.83 7.67 29.35
CA PRO A 117 3.46 8.13 29.13
C PRO A 117 2.45 7.03 29.47
N ILE A 118 1.43 7.42 30.23
CA ILE A 118 0.38 6.50 30.68
C ILE A 118 -0.64 6.34 29.57
N PRO A 119 -0.95 5.07 29.21
CA PRO A 119 -1.90 4.86 28.15
C PRO A 119 -3.32 5.24 28.59
N VAL A 120 -4.07 5.90 27.71
CA VAL A 120 -5.39 6.44 28.04
C VAL A 120 -6.42 6.07 27.00
N ILE A 121 -7.68 5.92 27.44
CA ILE A 121 -8.87 5.83 26.55
C ILE A 121 -9.80 6.97 27.03
N LEU A 122 -10.38 7.72 26.11
CA LEU A 122 -11.33 8.78 26.50
C LEU A 122 -12.73 8.30 26.21
N THR A 123 -13.66 8.54 27.15
CA THR A 123 -15.10 8.30 26.88
C THR A 123 -15.61 9.49 26.12
N VAL A 124 -16.04 9.25 24.87
CA VAL A 124 -16.46 10.37 23.98
C VAL A 124 -17.93 10.42 23.60
N TYR A 125 -18.67 9.36 23.93
CA TYR A 125 -20.09 9.29 23.55
C TYR A 125 -20.81 8.45 24.60
N THR A 126 -21.84 9.03 25.22
CA THR A 126 -22.62 8.25 26.18
C THR A 126 -23.97 8.92 26.31
N ALA A 127 -24.98 8.17 26.76
CA ALA A 127 -26.33 8.71 26.86
C ALA A 127 -26.76 9.44 25.58
N GLY A 128 -26.48 8.87 24.41
CA GLY A 128 -26.87 9.53 23.12
C GLY A 128 -26.21 10.90 22.86
N ASN A 129 -25.21 11.26 23.69
CA ASN A 129 -24.56 12.58 23.71
C ASN A 129 -25.58 13.72 23.75
N MET A 130 -26.73 13.46 24.39
CA MET A 130 -27.74 14.49 24.60
C MET A 130 -27.19 15.61 25.51
N PRO A 131 -27.39 16.89 25.14
CA PRO A 131 -26.83 17.99 25.93
C PRO A 131 -27.43 18.09 27.35
N TYR A 132 -28.54 17.40 27.57
CA TYR A 132 -29.13 17.39 28.91
C TYR A 132 -28.66 16.18 29.71
N TYR A 133 -27.81 15.35 29.09
CA TYR A 133 -27.26 14.19 29.79
C TYR A 133 -25.74 14.19 30.01
N THR A 134 -24.96 14.75 29.09
CA THR A 134 -23.48 14.61 29.22
C THR A 134 -22.66 15.74 28.58
N SER A 135 -21.57 16.12 29.25
CA SER A 135 -20.58 17.06 28.75
C SER A 135 -19.87 16.49 27.49
N ALA A 136 -20.01 15.18 27.27
CA ALA A 136 -19.35 14.57 26.11
C ALA A 136 -19.96 15.04 24.81
N HIS A 137 -21.16 15.64 24.88
CA HIS A 137 -21.82 16.26 23.72
C HIS A 137 -20.84 17.20 22.97
N TRP A 138 -20.00 17.92 23.73
CA TRP A 138 -19.16 19.00 23.19
C TRP A 138 -17.71 18.51 22.96
N LEU A 139 -17.55 17.27 22.51
CA LEU A 139 -16.24 16.73 22.07
C LEU A 139 -16.40 16.41 20.58
N SER A 140 -15.84 17.30 19.77
CA SER A 140 -15.97 17.11 18.32
C SER A 140 -15.03 16.05 17.77
N THR A 141 -15.35 15.53 16.57
CA THR A 141 -14.48 14.52 15.94
C THR A 141 -13.15 15.17 15.57
N SER A 142 -13.27 16.45 15.20
CA SER A 142 -12.13 17.29 14.91
C SER A 142 -11.18 17.36 16.13
N TRP A 143 -11.76 17.66 17.31
CA TRP A 143 -11.00 17.64 18.56
C TRP A 143 -10.35 16.25 18.85
N ILE A 144 -11.10 15.17 18.67
CA ILE A 144 -10.57 13.84 18.90
C ILE A 144 -9.35 13.55 17.97
N ASP A 145 -9.50 13.90 16.68
CA ASP A 145 -8.38 13.74 15.75
C ASP A 145 -7.14 14.48 16.27
N LYS A 146 -7.33 15.72 16.73
CA LYS A 146 -6.24 16.56 17.25
C LYS A 146 -5.59 15.92 18.46
N MET A 147 -6.40 15.33 19.33
CA MET A 147 -5.86 14.64 20.52
C MET A 147 -5.05 13.40 20.14
N TYR A 148 -5.57 12.59 19.23
CA TYR A 148 -4.83 11.41 18.73
C TYR A 148 -3.45 11.86 18.16
N GLN A 149 -3.46 12.91 17.35
CA GLN A 149 -2.20 13.41 16.76
C GLN A 149 -1.23 13.98 17.78
N LYS A 150 -1.73 14.60 18.86
CA LYS A 150 -0.84 15.16 19.89
C LYS A 150 -0.32 14.12 20.93
N TYR A 151 -1.11 13.08 21.19
CA TYR A 151 -0.78 12.15 22.29
C TYR A 151 -0.67 10.73 21.81
N PRO A 152 0.56 10.22 21.59
CA PRO A 152 0.67 8.81 21.17
C PRO A 152 0.09 7.83 22.21
N ASN A 153 0.04 8.26 23.47
CA ASN A 153 -0.44 7.43 24.57
C ASN A 153 -1.99 7.37 24.61
N LEU A 154 -2.65 8.12 23.70
CA LEU A 154 -4.10 7.99 23.55
C LEU A 154 -4.34 6.81 22.65
N HIS A 155 -4.79 5.69 23.23
CA HIS A 155 -4.86 4.44 22.50
C HIS A 155 -6.23 4.14 21.95
N GLY A 156 -7.26 4.85 22.44
CA GLY A 156 -8.62 4.58 21.93
C GLY A 156 -9.66 5.54 22.48
N ILE A 157 -10.89 5.43 21.97
CA ILE A 157 -12.01 6.24 22.43
C ILE A 157 -13.18 5.31 22.68
N PHE A 158 -14.08 5.71 23.56
CA PHE A 158 -15.07 4.80 24.15
C PHE A 158 -16.48 5.42 24.03
N SER A 159 -17.41 4.62 23.52
CA SER A 159 -18.84 4.93 23.59
C SER A 159 -19.49 3.90 24.52
N THR A 160 -20.41 4.35 25.39
CA THR A 160 -21.02 3.42 26.34
C THR A 160 -22.48 3.76 26.67
N ALA A 161 -23.34 2.74 26.71
CA ALA A 161 -24.65 2.87 27.36
C ALA A 161 -25.59 3.86 26.67
N ASN A 162 -25.82 3.64 25.39
CA ASN A 162 -26.78 4.46 24.63
C ASN A 162 -28.13 3.76 24.42
N TYR A 163 -28.24 2.49 24.85
CA TYR A 163 -29.47 1.68 24.53
C TYR A 163 -30.80 2.36 24.92
N TRP A 164 -30.78 3.11 26.01
CA TRP A 164 -31.97 3.71 26.58
C TRP A 164 -32.27 5.11 25.99
N ILE A 165 -31.40 5.60 25.11
CA ILE A 165 -31.54 6.95 24.47
C ILE A 165 -30.81 6.91 23.10
N TRP A 166 -31.49 6.24 22.16
CA TRP A 166 -30.87 5.84 20.92
C TRP A 166 -30.97 7.02 19.96
N ALA A 167 -30.04 7.98 20.09
CA ALA A 167 -30.09 9.27 19.38
C ALA A 167 -30.12 9.15 17.86
N ASN A 168 -30.74 10.12 17.19
CA ASN A 168 -30.94 10.12 15.73
C ASN A 168 -29.77 9.82 14.80
N ASP A 169 -28.60 10.30 15.15
CA ASP A 169 -27.41 10.09 14.32
C ASP A 169 -26.37 9.25 15.06
N ILE A 170 -26.79 8.38 15.95
CA ILE A 170 -25.82 7.52 16.67
C ILE A 170 -24.97 6.67 15.74
N GLU A 171 -25.57 6.08 14.71
CA GLU A 171 -24.80 5.23 13.79
C GLU A 171 -23.83 6.05 12.95
N ASN A 172 -24.28 7.24 12.51
CA ASN A 172 -23.38 8.12 11.77
C ASN A 172 -22.17 8.55 12.59
N LYS A 173 -22.40 8.86 13.87
CA LYS A 173 -21.30 9.27 14.79
C LYS A 173 -20.36 8.12 15.10
N ALA A 174 -20.91 6.91 15.19
CA ALA A 174 -20.10 5.72 15.50
C ALA A 174 -19.18 5.43 14.34
N ALA A 175 -19.70 5.63 13.13
CA ALA A 175 -18.84 5.51 11.94
C ALA A 175 -17.71 6.53 11.99
N ASP A 176 -18.01 7.77 12.38
CA ASP A 176 -16.96 8.80 12.49
C ASP A 176 -15.88 8.51 13.55
N TYR A 177 -16.34 7.98 14.68
CA TYR A 177 -15.41 7.54 15.70
C TYR A 177 -14.57 6.34 15.22
N LEU A 178 -15.18 5.37 14.54
CA LEU A 178 -14.36 4.24 14.07
C LEU A 178 -13.35 4.73 13.06
N LYS A 179 -13.77 5.61 12.14
CA LYS A 179 -12.84 6.09 11.10
C LYS A 179 -11.69 6.91 11.66
N VAL A 180 -12.00 7.82 12.58
CA VAL A 180 -10.96 8.68 13.16
C VAL A 180 -9.97 7.85 13.98
N SER A 181 -10.46 6.78 14.60
CA SER A 181 -9.60 5.85 15.35
C SER A 181 -8.69 5.09 14.35
N ALA A 182 -9.30 4.51 13.32
CA ALA A 182 -8.51 3.78 12.29
C ALA A 182 -7.47 4.72 11.64
N LYS A 183 -7.86 5.97 11.37
CA LYS A 183 -6.94 6.97 10.78
C LYS A 183 -5.68 7.13 11.61
N ASN A 184 -5.81 6.94 12.92
CA ASN A 184 -4.72 7.19 13.85
C ASN A 184 -4.10 5.94 14.50
N GLY A 185 -4.58 4.77 14.12
CA GLY A 185 -4.12 3.50 14.69
C GLY A 185 -4.66 3.25 16.12
N GLY A 186 -5.68 4.00 16.52
CA GLY A 186 -6.36 3.74 17.83
C GLY A 186 -7.55 2.82 17.66
N TYR A 187 -8.20 2.50 18.78
CA TYR A 187 -9.42 1.69 18.76
C TYR A 187 -10.64 2.49 19.13
N PHE A 188 -11.74 2.22 18.44
CA PHE A 188 -13.04 2.67 18.88
C PHE A 188 -13.63 1.50 19.67
N ILE A 189 -13.96 1.74 20.94
CA ILE A 189 -14.53 0.72 21.80
C ILE A 189 -15.96 1.13 22.10
N TRP A 190 -16.89 0.22 21.87
CA TRP A 190 -18.30 0.49 22.12
C TRP A 190 -18.87 -0.56 23.09
N ALA A 191 -19.29 -0.15 24.30
CA ALA A 191 -20.02 -1.05 25.22
C ALA A 191 -21.52 -0.75 25.14
N GLU A 192 -22.28 -1.73 24.69
CA GLU A 192 -23.71 -1.51 24.45
C GLU A 192 -24.49 -2.78 24.76
N GLN A 193 -25.77 -2.61 25.10
CA GLN A 193 -26.65 -3.77 25.41
C GLN A 193 -27.81 -3.79 24.44
N ASN A 194 -28.27 -5.00 24.03
CA ASN A 194 -29.33 -5.09 23.04
C ASN A 194 -30.72 -4.67 23.52
N ASN A 195 -30.84 -3.73 24.46
CA ASN A 195 -32.20 -3.28 24.85
C ASN A 195 -32.78 -2.51 23.65
N GLY A 196 -34.09 -2.59 23.41
CA GLY A 196 -34.68 -1.93 22.20
C GLY A 196 -33.97 -2.20 20.88
N SER A 197 -33.43 -3.41 20.69
CA SER A 197 -32.73 -3.81 19.45
C SER A 197 -31.43 -3.04 19.15
N ALA A 198 -30.77 -2.49 20.17
CA ALA A 198 -29.65 -1.56 19.96
C ALA A 198 -28.57 -2.11 19.05
N ILE A 199 -28.17 -3.37 19.28
CA ILE A 199 -27.07 -3.93 18.50
C ILE A 199 -27.46 -4.16 17.04
N GLU A 200 -28.69 -4.56 16.84
CA GLU A 200 -29.28 -4.74 15.49
C GLU A 200 -29.34 -3.41 14.71
N LYS A 201 -29.90 -2.38 15.34
CA LYS A 201 -29.91 -1.00 14.79
C LYS A 201 -28.52 -0.47 14.46
N ALA A 202 -27.54 -0.71 15.36
CA ALA A 202 -26.14 -0.25 15.11
C ALA A 202 -25.61 -0.67 13.73
N PHE A 203 -26.03 -1.86 13.30
CA PHE A 203 -25.53 -2.44 12.04
C PHE A 203 -26.47 -2.25 10.85
N GLY A 204 -27.61 -1.63 11.11
CA GLY A 204 -28.39 -1.14 9.98
C GLY A 204 -29.80 -1.63 9.90
N LYS A 205 -30.25 -2.32 10.95
CA LYS A 205 -31.58 -2.90 10.99
C LYS A 205 -32.68 -1.94 10.50
N ASN A 206 -32.66 -0.72 11.00
CA ASN A 206 -33.71 0.24 10.69
C ASN A 206 -33.34 1.20 9.58
N GLY A 207 -32.30 0.84 8.80
CA GLY A 207 -31.89 1.61 7.62
C GLY A 207 -30.74 2.61 7.81
N LYS A 208 -30.18 2.68 9.02
CA LYS A 208 -29.05 3.55 9.29
C LYS A 208 -27.78 2.71 9.16
N ILE A 209 -27.13 2.79 8.01
CA ILE A 209 -26.12 1.79 7.65
C ILE A 209 -24.72 2.35 7.68
N ALA A 210 -24.55 3.58 8.17
CA ALA A 210 -23.24 4.20 8.10
C ALA A 210 -22.20 3.39 8.88
N PHE A 211 -22.60 2.89 10.05
CA PHE A 211 -21.65 2.13 10.88
C PHE A 211 -21.40 0.76 10.24
N GLN A 212 -22.43 0.11 9.72
CA GLN A 212 -22.18 -1.10 8.95
C GLN A 212 -21.09 -0.94 7.89
N LYS A 213 -21.12 0.16 7.13
CA LYS A 213 -20.17 0.36 6.04
C LYS A 213 -18.83 0.74 6.59
N SER A 214 -18.84 1.45 7.72
CA SER A 214 -17.58 1.82 8.37
C SER A 214 -16.82 0.54 8.78
N VAL A 215 -17.54 -0.35 9.44
CA VAL A 215 -17.02 -1.65 9.91
C VAL A 215 -16.51 -2.53 8.74
N ASP A 216 -17.20 -2.54 7.60
CA ASP A 216 -16.66 -3.24 6.41
C ASP A 216 -15.23 -2.87 6.16
N LYS A 217 -14.93 -1.58 6.37
CA LYS A 217 -13.60 -1.08 6.11
C LYS A 217 -12.66 -1.21 7.29
N TYR A 218 -13.16 -0.89 8.49
CA TYR A 218 -12.32 -0.57 9.64
C TYR A 218 -12.50 -1.47 10.85
N TRP A 219 -13.09 -2.65 10.65
CA TRP A 219 -13.35 -3.57 11.77
C TRP A 219 -12.10 -3.94 12.56
N LYS A 220 -10.90 -3.93 11.97
CA LYS A 220 -9.71 -4.21 12.75
C LYS A 220 -9.45 -3.19 13.87
N ASN A 221 -10.12 -2.04 13.82
CA ASN A 221 -9.90 -1.00 14.87
C ASN A 221 -11.11 -0.91 15.80
N LEU A 222 -11.97 -1.91 15.73
CA LEU A 222 -13.20 -1.92 16.55
C LEU A 222 -13.12 -2.96 17.67
N ILE A 223 -13.55 -2.54 18.85
CA ILE A 223 -13.79 -3.50 19.96
C ILE A 223 -15.24 -3.32 20.36
N PHE A 224 -16.02 -4.41 20.38
CA PHE A 224 -17.44 -4.34 20.76
C PHE A 224 -17.63 -5.09 22.08
N MET A 225 -18.29 -4.47 23.04
CA MET A 225 -18.50 -5.08 24.35
C MET A 225 -19.97 -5.04 24.75
N PHE A 226 -20.41 -6.03 25.52
CA PHE A 226 -21.70 -5.90 26.19
C PHE A 226 -21.61 -4.93 27.36
N LYS A 227 -22.78 -4.56 27.85
CA LYS A 227 -22.88 -3.61 28.96
C LYS A 227 -24.07 -4.07 29.77
N ASN A 228 -23.83 -4.90 30.78
CA ASN A 228 -24.93 -5.64 31.41
C ASN A 228 -25.76 -4.95 32.52
N THR A 229 -25.55 -3.65 32.68
CA THR A 229 -26.35 -2.79 33.59
C THR A 229 -27.89 -3.00 33.57
N PRO A 230 -28.55 -3.01 32.36
CA PRO A 230 -30.01 -2.99 32.36
C PRO A 230 -30.65 -4.38 32.56
N ALA A 231 -30.40 -4.92 33.73
CA ALA A 231 -30.59 -6.35 33.95
C ALA A 231 -32.06 -6.68 33.99
N ALA A 232 -32.93 -5.71 34.29
CA ALA A 232 -34.38 -6.04 34.35
C ALA A 232 -34.96 -6.45 32.98
N GLU A 233 -34.32 -6.03 31.89
CA GLU A 233 -34.77 -6.37 30.56
C GLU A 233 -34.23 -7.68 30.00
N GLY A 234 -33.25 -8.29 30.68
CA GLY A 234 -32.89 -9.69 30.42
C GLY A 234 -32.18 -9.97 29.10
N ASN A 235 -31.46 -8.99 28.56
CA ASN A 235 -30.81 -9.14 27.26
C ASN A 235 -29.33 -9.52 27.35
N ASP A 236 -28.92 -10.07 28.51
CA ASP A 236 -27.51 -10.47 28.67
C ASP A 236 -27.07 -11.47 27.63
N SER A 237 -27.86 -12.53 27.50
CA SER A 237 -27.43 -13.69 26.74
C SER A 237 -27.42 -13.39 25.23
N THR A 238 -28.43 -12.66 24.75
CA THR A 238 -28.49 -12.27 23.35
C THR A 238 -27.46 -11.23 22.97
N THR A 239 -27.20 -10.28 23.88
CA THR A 239 -26.13 -9.32 23.61
C THR A 239 -24.78 -10.05 23.50
N GLU A 240 -24.49 -10.93 24.47
CA GLU A 240 -23.19 -11.62 24.47
C GLU A 240 -23.07 -12.54 23.22
N SER A 241 -24.19 -13.16 22.85
CA SER A 241 -24.27 -13.95 21.62
C SER A 241 -23.83 -13.15 20.40
N TYR A 242 -24.38 -11.93 20.23
CA TYR A 242 -23.98 -11.03 19.16
C TYR A 242 -22.54 -10.61 19.26
N MET A 243 -22.08 -10.24 20.46
CA MET A 243 -20.68 -9.84 20.60
C MET A 243 -19.78 -10.94 20.04
N LYS A 244 -20.02 -12.18 20.50
CA LYS A 244 -19.21 -13.30 20.00
C LYS A 244 -19.37 -13.54 18.47
N GLY A 245 -20.60 -13.60 17.97
CA GLY A 245 -20.83 -13.73 16.51
C GLY A 245 -20.19 -12.63 15.63
N LEU A 246 -20.28 -11.38 16.10
CA LEU A 246 -19.67 -10.26 15.38
C LEU A 246 -18.17 -10.46 15.28
N TRP A 247 -17.55 -10.95 16.36
CA TRP A 247 -16.14 -11.20 16.35
C TRP A 247 -15.77 -12.32 15.35
N LEU A 248 -16.52 -13.41 15.42
CA LEU A 248 -16.21 -14.60 14.61
C LEU A 248 -16.38 -14.34 13.12
N SER A 249 -17.28 -13.42 12.77
CA SER A 249 -17.53 -13.02 11.38
C SER A 249 -16.79 -11.77 10.93
N ASN A 250 -15.77 -11.38 11.70
CA ASN A 250 -14.89 -10.28 11.32
C ASN A 250 -15.62 -8.93 11.25
N HIS A 251 -16.61 -8.76 12.12
CA HIS A 251 -17.30 -7.47 12.25
C HIS A 251 -16.82 -6.71 13.49
N THR A 252 -15.86 -7.27 14.23
CA THR A 252 -15.15 -6.54 15.29
C THR A 252 -13.82 -7.22 15.48
N TYR A 253 -12.78 -6.47 15.81
CA TYR A 253 -11.44 -7.04 16.04
C TYR A 253 -11.37 -8.03 17.24
N GLN A 254 -11.93 -7.59 18.38
CA GLN A 254 -12.06 -8.40 19.58
C GLN A 254 -13.34 -7.98 20.23
N TRP A 255 -13.76 -8.73 21.24
CA TRP A 255 -14.96 -8.39 21.97
C TRP A 255 -14.74 -8.54 23.47
N GLY A 256 -15.71 -8.06 24.26
CA GLY A 256 -15.59 -8.19 25.71
C GLY A 256 -16.87 -7.74 26.39
N GLY A 257 -16.77 -7.34 27.65
CA GLY A 257 -17.98 -7.06 28.41
C GLY A 257 -17.69 -6.08 29.51
N LEU A 258 -18.68 -5.21 29.74
CA LEU A 258 -18.66 -4.38 30.94
C LEU A 258 -19.70 -4.96 31.89
N MET A 259 -19.23 -5.39 33.06
CA MET A 259 -20.05 -6.09 34.04
C MET A 259 -20.30 -5.11 35.16
N ASP A 260 -21.56 -4.97 35.57
CA ASP A 260 -21.94 -3.81 36.38
C ASP A 260 -22.77 -4.21 37.61
N THR A 261 -22.26 -3.88 38.80
CA THR A 261 -22.91 -4.25 40.05
C THR A 261 -24.23 -3.46 40.26
N TRP A 262 -24.44 -2.41 39.44
CA TRP A 262 -25.77 -1.73 39.40
C TRP A 262 -26.88 -2.67 38.96
N LYS A 263 -26.57 -3.84 38.37
CA LYS A 263 -27.62 -4.82 38.00
C LYS A 263 -28.50 -5.16 39.21
N TRP A 264 -27.92 -5.09 40.42
CA TRP A 264 -28.63 -5.43 41.69
C TRP A 264 -29.71 -4.39 42.01
N TYR A 265 -29.40 -3.14 41.68
CA TYR A 265 -30.37 -2.01 41.77
C TYR A 265 -31.42 -2.15 40.67
N GLU A 266 -31.00 -2.41 39.45
CA GLU A 266 -31.93 -2.49 38.30
C GLU A 266 -32.99 -3.58 38.51
N THR A 267 -32.62 -4.67 39.20
CA THR A 267 -33.57 -5.77 39.41
C THR A 267 -34.28 -5.70 40.78
N GLY A 268 -33.98 -4.68 41.59
CA GLY A 268 -34.70 -4.46 42.86
C GLY A 268 -34.33 -5.36 44.03
N LYS A 269 -33.15 -5.97 44.00
CA LYS A 269 -32.73 -6.79 45.11
C LYS A 269 -32.20 -5.92 46.27
N TRP A 270 -32.17 -6.52 47.47
CA TRP A 270 -31.57 -5.86 48.61
C TRP A 270 -30.63 -6.83 49.34
N LYS A 271 -30.89 -7.14 50.62
CA LYS A 271 -29.99 -7.91 51.43
C LYS A 271 -29.80 -9.27 50.75
N LEU A 272 -28.60 -9.83 50.80
CA LEU A 272 -28.31 -11.11 50.08
C LEU A 272 -29.25 -12.19 50.59
N PHE A 273 -29.98 -12.83 49.65
CA PHE A 273 -30.90 -13.96 49.85
C PHE A 273 -32.23 -13.59 50.53
N ALA A 274 -32.40 -12.33 50.89
CA ALA A 274 -33.60 -11.90 51.58
C ALA A 274 -34.79 -11.90 50.61
N SER A 275 -35.96 -12.22 51.12
CA SER A 275 -37.12 -12.18 50.28
C SER A 275 -37.70 -10.74 50.09
N GLY A 276 -38.46 -10.52 49.01
CA GLY A 276 -39.08 -9.22 48.78
C GLY A 276 -38.26 -8.38 47.80
N ASN A 277 -38.94 -7.50 47.05
CA ASN A 277 -38.28 -6.67 46.04
C ASN A 277 -38.41 -5.21 46.49
N ILE A 278 -37.35 -4.42 46.40
CA ILE A 278 -37.48 -3.04 46.86
C ILE A 278 -37.48 -2.06 45.67
N GLY A 279 -37.51 -2.60 44.45
CA GLY A 279 -37.32 -1.86 43.20
C GLY A 279 -36.10 -0.92 43.21
N LYS A 280 -36.20 0.16 42.47
CA LYS A 280 -35.03 1.04 42.31
C LYS A 280 -34.98 2.14 43.33
N SER A 281 -34.74 1.79 44.59
CA SER A 281 -35.01 2.70 45.71
C SER A 281 -33.85 2.97 46.65
N GLN A 282 -32.78 2.15 46.53
CA GLN A 282 -31.65 2.24 47.41
C GLN A 282 -30.35 2.06 46.64
N GLY A 283 -30.25 2.80 45.53
CA GLY A 283 -29.19 2.69 44.53
C GLY A 283 -27.86 2.40 45.18
N ASP A 284 -27.44 3.24 46.10
CA ASP A 284 -26.04 3.18 46.57
C ASP A 284 -25.78 2.05 47.55
N ARG A 285 -26.81 1.60 48.25
CA ARG A 285 -26.68 0.33 48.99
C ARG A 285 -26.68 -0.84 47.99
N GLN A 286 -27.52 -0.75 46.95
CA GLN A 286 -27.72 -1.87 46.01
C GLN A 286 -26.52 -2.20 45.13
N TRP A 287 -25.84 -1.18 44.58
CA TRP A 287 -24.60 -1.46 43.80
C TRP A 287 -23.40 -2.00 44.61
N LEU A 288 -23.49 -1.95 45.93
CA LEU A 288 -22.47 -2.56 46.80
C LEU A 288 -22.75 -4.03 47.12
N THR A 289 -23.96 -4.51 46.84
CA THR A 289 -24.40 -5.80 47.44
C THR A 289 -24.05 -7.03 46.62
N GLU A 290 -23.87 -6.88 45.28
CA GLU A 290 -23.56 -8.08 44.48
C GLU A 290 -22.32 -8.82 45.06
N PRO A 291 -22.44 -10.14 45.33
CA PRO A 291 -21.27 -10.91 45.77
C PRO A 291 -20.03 -10.71 44.89
N GLU A 292 -18.87 -10.53 45.54
CA GLU A 292 -17.60 -10.27 44.84
C GLU A 292 -17.27 -11.33 43.79
N SER A 293 -17.38 -12.59 44.20
CA SER A 293 -17.08 -13.71 43.33
C SER A 293 -18.04 -13.79 42.14
N MET A 294 -19.23 -13.21 42.23
CA MET A 294 -20.16 -13.33 41.08
C MET A 294 -19.64 -12.56 39.87
N LEU A 295 -18.86 -11.52 40.10
CA LEU A 295 -18.23 -10.80 38.98
C LEU A 295 -17.28 -11.71 38.18
N GLY A 296 -16.55 -12.59 38.88
CA GLY A 296 -15.70 -13.62 38.21
C GLY A 296 -16.56 -14.63 37.43
N GLU A 297 -17.75 -14.96 37.94
CA GLU A 297 -18.63 -15.87 37.18
C GLU A 297 -19.11 -15.20 35.89
N GLU A 298 -19.40 -13.90 35.98
CA GLU A 298 -19.75 -13.12 34.77
C GLU A 298 -18.57 -13.06 33.81
N ALA A 299 -17.40 -12.75 34.34
CA ALA A 299 -16.21 -12.58 33.48
C ALA A 299 -15.82 -13.90 32.79
N LEU A 300 -16.18 -15.06 33.36
CA LEU A 300 -15.90 -16.35 32.70
C LEU A 300 -16.62 -16.49 31.35
N GLY A 301 -17.82 -15.91 31.25
CA GLY A 301 -18.56 -16.02 30.00
C GLY A 301 -17.86 -15.25 28.91
N VAL A 302 -17.11 -14.22 29.27
CA VAL A 302 -16.24 -13.54 28.31
C VAL A 302 -15.03 -14.42 27.93
N TYR A 303 -14.27 -14.81 28.95
CA TYR A 303 -13.03 -15.55 28.72
C TYR A 303 -13.29 -16.85 27.94
N LEU A 304 -14.28 -17.63 28.37
CA LEU A 304 -14.51 -18.99 27.85
C LEU A 304 -14.96 -18.97 26.39
N ASN A 305 -15.35 -17.78 25.95
CA ASN A 305 -15.87 -17.63 24.61
C ASN A 305 -14.99 -16.76 23.71
N GLY A 306 -13.73 -16.58 24.11
CA GLY A 306 -12.76 -15.88 23.28
C GLY A 306 -12.72 -14.37 23.44
N GLY A 307 -13.53 -13.82 24.36
CA GLY A 307 -13.52 -12.40 24.66
C GLY A 307 -12.26 -12.03 25.42
N VAL A 308 -11.77 -10.80 25.22
CA VAL A 308 -10.48 -10.39 25.82
C VAL A 308 -10.43 -8.99 26.45
N VAL A 309 -11.58 -8.33 26.50
CA VAL A 309 -11.65 -6.99 27.06
C VAL A 309 -12.66 -6.95 28.22
N TYR A 310 -12.24 -6.33 29.33
CA TYR A 310 -12.96 -6.35 30.59
C TYR A 310 -13.08 -4.92 31.13
N ASN A 311 -14.26 -4.58 31.62
CA ASN A 311 -14.48 -3.28 32.26
C ASN A 311 -15.56 -3.48 33.31
N PHE A 312 -15.58 -2.65 34.37
CA PHE A 312 -16.54 -2.83 35.43
C PHE A 312 -17.15 -1.51 35.92
N GLU A 313 -18.39 -1.60 36.42
CA GLU A 313 -18.98 -0.56 37.28
C GLU A 313 -19.62 -1.29 38.50
N HIS A 314 -19.93 -0.62 39.60
CA HIS A 314 -19.55 0.77 39.96
C HIS A 314 -18.05 0.76 40.30
N PRO A 315 -17.26 1.73 39.77
CA PRO A 315 -15.80 1.69 39.95
C PRO A 315 -15.33 1.68 41.40
N ALA A 316 -16.06 2.33 42.33
CA ALA A 316 -15.56 2.44 43.70
C ALA A 316 -15.51 1.06 44.40
N TYR A 317 -16.46 0.20 44.04
CA TYR A 317 -16.56 -1.15 44.64
C TYR A 317 -15.66 -2.13 43.83
N THR A 318 -15.76 -2.06 42.50
CA THR A 318 -15.10 -3.02 41.63
C THR A 318 -13.58 -2.80 41.52
N TYR A 319 -13.13 -1.54 41.62
CA TYR A 319 -11.71 -1.21 41.53
C TYR A 319 -11.16 -0.70 42.85
N GLY A 320 -11.83 0.28 43.43
CA GLY A 320 -11.37 0.88 44.69
C GLY A 320 -11.52 2.39 44.75
N VAL A 321 -10.94 2.98 45.79
CA VAL A 321 -10.98 4.41 46.04
C VAL A 321 -9.61 4.84 46.52
N ASN A 322 -9.32 6.13 46.41
CA ASN A 322 -8.08 6.67 46.97
C ASN A 322 -6.82 5.95 46.52
N ASN A 323 -6.77 5.54 45.25
CA ASN A 323 -5.58 4.86 44.73
C ASN A 323 -5.25 3.49 45.40
N LYS A 324 -6.22 2.94 46.14
CA LYS A 324 -6.14 1.58 46.77
C LYS A 324 -7.07 0.60 46.11
N GLU A 325 -6.66 -0.68 46.02
CA GLU A 325 -7.52 -1.73 45.46
C GLU A 325 -8.60 -2.12 46.44
N SER A 326 -9.86 -2.24 45.99
CA SER A 326 -10.91 -2.80 46.82
C SER A 326 -10.66 -4.28 46.91
N LEU A 327 -11.28 -4.94 47.89
CA LEU A 327 -11.13 -6.41 48.01
C LEU A 327 -11.74 -7.21 46.85
N LEU A 328 -12.81 -6.69 46.26
CA LEU A 328 -13.35 -7.24 45.02
C LEU A 328 -12.25 -7.21 43.96
N PHE A 329 -11.57 -6.06 43.81
CA PHE A 329 -10.50 -6.01 42.84
C PHE A 329 -9.38 -6.95 43.20
N SER A 330 -8.91 -6.93 44.44
CA SER A 330 -7.67 -7.66 44.72
C SER A 330 -7.91 -9.18 44.72
N GLU A 331 -9.04 -9.61 45.26
CA GLU A 331 -9.32 -11.04 45.47
C GLU A 331 -10.01 -11.73 44.29
N VAL A 332 -10.69 -10.96 43.44
CA VAL A 332 -11.43 -11.55 42.32
C VAL A 332 -10.88 -11.07 40.97
N ILE A 333 -11.04 -9.77 40.67
CA ILE A 333 -10.73 -9.22 39.34
C ILE A 333 -9.25 -9.39 39.01
N LYS A 334 -8.37 -8.98 39.93
CA LYS A 334 -6.94 -9.06 39.65
C LYS A 334 -6.55 -10.52 39.45
N GLU A 335 -7.03 -11.41 40.33
CA GLU A 335 -6.69 -12.85 40.16
C GLU A 335 -7.18 -13.41 38.84
N PHE A 336 -8.42 -13.09 38.52
CA PHE A 336 -9.01 -13.52 37.27
C PHE A 336 -8.24 -12.99 36.07
N PHE A 337 -7.93 -11.69 36.08
CA PHE A 337 -7.26 -11.11 34.94
C PHE A 337 -5.82 -11.66 34.81
N ARG A 338 -5.14 -11.83 35.92
CA ARG A 338 -3.86 -12.57 35.86
C ARG A 338 -4.03 -13.97 35.25
N TYR A 339 -5.10 -14.66 35.60
CA TYR A 339 -5.36 -15.99 35.00
C TYR A 339 -5.49 -15.92 33.45
N VAL A 340 -6.24 -14.96 32.93
CA VAL A 340 -6.42 -14.88 31.47
C VAL A 340 -5.18 -14.35 30.69
N ILE A 341 -4.26 -13.69 31.37
CA ILE A 341 -2.93 -13.39 30.80
C ILE A 341 -2.07 -14.69 30.71
N ALA A 342 -2.03 -15.43 31.82
CA ALA A 342 -1.26 -16.66 31.94
C ALA A 342 -1.80 -17.78 31.06
N HIS A 343 -3.11 -17.80 30.89
CA HIS A 343 -3.76 -18.78 30.02
C HIS A 343 -4.60 -18.02 29.01
N PRO A 344 -4.02 -17.61 27.89
CA PRO A 344 -4.77 -16.85 26.89
C PRO A 344 -6.09 -17.51 26.50
N ALA A 345 -7.14 -16.68 26.37
CA ALA A 345 -8.45 -17.16 25.93
C ALA A 345 -8.36 -17.93 24.63
N PRO A 346 -9.35 -18.80 24.35
CA PRO A 346 -9.29 -19.50 23.07
C PRO A 346 -9.25 -18.52 21.90
N SER A 347 -8.40 -18.81 20.90
CA SER A 347 -8.26 -17.97 19.74
C SER A 347 -9.51 -18.00 18.87
N LYS A 348 -9.64 -17.01 17.99
CA LYS A 348 -10.78 -17.01 17.05
C LYS A 348 -10.88 -18.34 16.31
N GLU A 349 -9.71 -18.83 15.89
CA GLU A 349 -9.65 -20.04 15.09
C GLU A 349 -10.16 -21.21 15.85
N LYS A 350 -9.77 -21.33 17.11
CA LYS A 350 -10.25 -22.36 18.02
C LYS A 350 -11.73 -22.25 18.44
N VAL A 351 -12.21 -21.02 18.69
CA VAL A 351 -13.64 -20.83 18.97
C VAL A 351 -14.47 -21.24 17.72
N LEU A 352 -13.98 -20.86 16.55
CA LEU A 352 -14.63 -21.09 15.27
C LEU A 352 -14.69 -22.60 14.94
N GLU A 353 -13.59 -23.30 15.19
CA GLU A 353 -13.57 -24.77 15.13
C GLU A 353 -14.65 -25.42 16.01
N ASP A 354 -14.74 -25.00 17.27
CA ASP A 354 -15.71 -25.53 18.26
C ASP A 354 -17.17 -25.12 18.07
N THR A 355 -17.42 -24.20 17.15
CA THR A 355 -18.79 -23.69 17.01
C THR A 355 -19.50 -24.67 16.10
N LYS A 356 -20.65 -25.16 16.54
CA LYS A 356 -21.45 -26.09 15.70
C LYS A 356 -22.67 -25.43 15.04
N VAL A 357 -23.18 -24.37 15.68
CA VAL A 357 -24.37 -23.62 15.26
C VAL A 357 -24.03 -22.11 15.29
N PHE A 358 -24.35 -21.37 14.23
CA PHE A 358 -24.17 -19.91 14.19
C PHE A 358 -25.52 -19.31 13.76
N ILE A 359 -26.14 -18.47 14.59
CA ILE A 359 -27.49 -17.96 14.32
C ILE A 359 -27.41 -16.65 13.50
N HIS A 360 -28.27 -16.54 12.49
CA HIS A 360 -28.38 -15.30 11.68
C HIS A 360 -29.78 -14.76 11.88
N GLY A 361 -29.89 -13.62 12.55
CA GLY A 361 -31.21 -13.06 12.73
C GLY A 361 -31.28 -12.12 13.89
N ASP A 362 -32.44 -11.52 14.05
CA ASP A 362 -32.68 -10.55 15.13
C ASP A 362 -33.33 -11.18 16.32
N TYR A 363 -32.58 -11.26 17.41
CA TYR A 363 -33.20 -11.74 18.66
C TYR A 363 -34.42 -10.94 19.16
N SER A 364 -34.49 -9.64 18.80
CA SER A 364 -35.61 -8.75 19.17
C SER A 364 -36.94 -9.24 18.62
N ASN A 365 -36.88 -10.01 17.53
CA ASN A 365 -38.07 -10.64 16.94
C ASN A 365 -38.39 -12.05 17.49
N LYS A 366 -37.54 -12.55 18.40
CA LYS A 366 -37.78 -13.85 19.01
C LYS A 366 -37.73 -13.80 20.52
N GLY A 367 -38.19 -12.70 21.11
CA GLY A 367 -38.37 -12.62 22.56
C GLY A 367 -37.09 -12.19 23.28
N ASN A 368 -36.08 -11.78 22.51
CA ASN A 368 -34.83 -11.28 23.09
C ASN A 368 -34.18 -12.29 24.00
N GLY A 369 -33.78 -11.86 25.21
CA GLY A 369 -33.19 -12.77 26.21
C GLY A 369 -33.99 -14.03 26.53
N LYS A 370 -35.30 -13.97 26.28
CA LYS A 370 -36.16 -15.15 26.47
C LYS A 370 -35.78 -16.30 25.56
N PHE A 371 -35.14 -16.00 24.44
CA PHE A 371 -34.68 -17.00 23.50
C PHE A 371 -33.88 -18.13 24.20
N PHE A 372 -33.06 -17.76 25.17
CA PHE A 372 -32.15 -18.73 25.81
C PHE A 372 -32.62 -19.28 27.16
N VAL A 373 -33.71 -18.73 27.70
CA VAL A 373 -34.24 -19.14 29.01
C VAL A 373 -34.69 -20.60 28.86
N ASN A 374 -34.25 -21.41 29.81
CA ASN A 374 -34.43 -22.85 29.81
C ASN A 374 -33.77 -23.59 28.62
N VAL A 375 -32.87 -22.88 27.92
CA VAL A 375 -31.99 -23.47 26.94
C VAL A 375 -30.59 -23.49 27.60
N ASN A 376 -30.00 -22.31 27.85
CA ASN A 376 -28.80 -22.28 28.73
C ASN A 376 -28.80 -21.17 29.80
N THR A 377 -29.92 -20.49 30.03
CA THR A 377 -30.02 -19.62 31.21
C THR A 377 -31.23 -20.05 32.08
N ASP A 378 -31.18 -19.82 33.39
CA ASP A 378 -32.26 -20.32 34.27
C ASP A 378 -33.46 -19.37 34.48
N ARG A 379 -33.33 -18.16 33.92
CA ARG A 379 -34.33 -17.09 34.15
C ARG A 379 -34.03 -15.94 33.18
N GLU A 380 -34.97 -15.00 33.02
CA GLU A 380 -34.73 -13.81 32.20
C GLU A 380 -33.63 -12.89 32.78
N GLN A 381 -33.63 -12.67 34.08
CA GLN A 381 -32.84 -11.62 34.70
C GLN A 381 -31.60 -12.21 35.35
N THR A 382 -30.63 -12.58 34.52
CA THR A 382 -29.37 -13.10 35.03
C THR A 382 -28.23 -12.87 34.05
N PRO A 383 -27.00 -12.63 34.57
CA PRO A 383 -25.85 -12.53 33.70
C PRO A 383 -25.09 -13.87 33.66
N LEU A 384 -25.68 -14.95 34.20
CA LEU A 384 -24.98 -16.25 34.31
C LEU A 384 -25.63 -17.28 33.39
N TYR A 385 -24.94 -18.41 33.20
CA TYR A 385 -25.51 -19.53 32.41
C TYR A 385 -25.68 -20.73 33.28
N MET A 386 -26.62 -21.59 32.92
CA MET A 386 -26.98 -22.78 33.74
C MET A 386 -26.32 -24.08 33.23
N THR A 387 -25.74 -24.03 32.04
CA THR A 387 -25.00 -25.16 31.45
C THR A 387 -24.01 -24.64 30.46
N GLY A 388 -22.84 -25.30 30.36
CA GLY A 388 -21.88 -24.90 29.35
C GLY A 388 -21.94 -25.74 28.09
N ARG A 389 -22.95 -26.60 28.01
CA ARG A 389 -23.06 -27.61 26.93
C ARG A 389 -22.91 -27.01 25.53
N TYR A 390 -23.55 -25.84 25.34
CA TYR A 390 -23.51 -25.12 24.06
C TYR A 390 -22.56 -23.95 24.06
N ASN A 391 -21.74 -23.85 25.13
CA ASN A 391 -21.11 -22.58 25.53
C ASN A 391 -22.03 -21.40 25.24
N VAL A 392 -21.56 -20.37 24.53
CA VAL A 392 -22.38 -19.23 24.08
C VAL A 392 -22.58 -19.43 22.56
N ILE A 393 -23.82 -19.59 22.12
CA ILE A 393 -24.12 -19.75 20.69
C ILE A 393 -23.95 -18.39 20.01
N PRO A 394 -23.07 -18.32 19.00
CA PRO A 394 -22.85 -17.02 18.36
C PRO A 394 -23.94 -16.65 17.33
N ALA A 395 -24.17 -15.34 17.18
CA ALA A 395 -25.16 -14.81 16.22
C ALA A 395 -24.67 -13.46 15.66
N ILE A 396 -25.13 -13.13 14.44
CA ILE A 396 -25.10 -11.74 13.96
C ILE A 396 -26.51 -11.30 13.54
N PRO A 397 -26.81 -9.99 13.64
CA PRO A 397 -28.12 -9.44 13.24
C PRO A 397 -28.51 -9.77 11.76
N GLY A 398 -29.80 -9.81 11.51
CA GLY A 398 -30.30 -10.18 10.17
C GLY A 398 -29.88 -9.22 9.05
N VAL A 399 -29.63 -7.95 9.38
CA VAL A 399 -29.13 -6.98 8.40
C VAL A 399 -27.79 -7.37 7.79
N LEU A 400 -26.96 -8.11 8.54
CA LEU A 400 -25.62 -8.47 8.05
C LEU A 400 -25.68 -9.71 7.18
N LYS A 401 -24.75 -9.82 6.22
CA LYS A 401 -24.69 -10.96 5.32
C LYS A 401 -23.77 -12.05 5.88
N THR A 402 -23.97 -13.31 5.47
CA THR A 402 -23.12 -14.44 5.97
C THR A 402 -22.33 -15.27 4.92
N ASP A 403 -21.49 -14.65 4.09
CA ASP A 403 -21.06 -13.25 4.17
C ASP A 403 -20.95 -12.62 2.76
N ILE A 414 -19.89 -26.06 10.75
CA ILE A 414 -20.78 -25.03 11.30
C ILE A 414 -22.06 -24.93 10.47
N GLN A 415 -23.21 -25.06 11.13
CA GLN A 415 -24.49 -24.77 10.49
C GLN A 415 -24.94 -23.33 10.77
N ILE A 416 -25.06 -22.52 9.71
CA ILE A 416 -25.57 -21.15 9.83
C ILE A 416 -27.07 -21.26 9.69
N LYS A 417 -27.80 -20.86 10.72
CA LYS A 417 -29.24 -21.06 10.80
C LYS A 417 -29.94 -19.74 10.99
N GLU A 418 -30.95 -19.50 10.14
CA GLU A 418 -31.81 -18.33 10.26
C GLU A 418 -32.57 -18.43 11.53
N ILE A 419 -32.70 -17.33 12.25
CA ILE A 419 -33.41 -17.33 13.51
C ILE A 419 -34.88 -17.77 13.36
N THR A 420 -35.37 -17.67 12.13
CA THR A 420 -36.75 -18.04 11.81
C THR A 420 -36.93 -19.53 11.46
N SER A 421 -35.82 -20.28 11.47
CA SER A 421 -35.85 -21.76 11.34
C SER A 421 -36.84 -22.42 12.29
N PRO A 422 -37.48 -23.53 11.86
CA PRO A 422 -38.39 -24.28 12.75
C PRO A 422 -37.70 -24.74 14.04
N GLU A 423 -36.41 -25.04 13.94
CA GLU A 423 -35.60 -25.47 15.09
C GLU A 423 -35.59 -24.48 16.26
N PHE A 424 -35.88 -23.21 15.99
CA PHE A 424 -35.81 -22.17 17.02
C PHE A 424 -37.16 -21.65 17.46
N SER A 425 -38.22 -22.23 16.91
CA SER A 425 -39.58 -21.78 17.14
C SER A 425 -40.01 -21.80 18.60
N SER A 426 -39.39 -22.67 19.39
CA SER A 426 -39.75 -22.87 20.80
C SER A 426 -38.53 -23.31 21.63
N THR A 427 -38.71 -23.32 22.93
CA THR A 427 -37.67 -23.77 23.86
C THR A 427 -37.25 -25.20 23.54
N GLN A 428 -38.24 -26.08 23.37
CA GLN A 428 -37.98 -27.49 23.14
C GLN A 428 -37.32 -27.77 21.79
N ALA A 429 -37.79 -27.11 20.74
CA ALA A 429 -37.14 -27.20 19.46
C ALA A 429 -35.65 -26.81 19.54
N ARG A 430 -35.37 -25.73 20.27
CA ARG A 430 -34.01 -25.24 20.43
C ARG A 430 -33.11 -26.33 21.04
N LYS A 431 -33.54 -26.89 22.15
CA LYS A 431 -32.74 -27.93 22.81
C LYS A 431 -32.55 -29.20 21.96
N GLU A 432 -33.62 -29.67 21.33
CA GLU A 432 -33.52 -30.86 20.53
C GLU A 432 -32.48 -30.70 19.44
N TYR A 433 -32.51 -29.56 18.75
CA TYR A 433 -31.62 -29.31 17.63
C TYR A 433 -30.18 -29.17 18.14
N LEU A 434 -30.04 -28.39 19.21
CA LEU A 434 -28.73 -28.13 19.76
C LEU A 434 -28.12 -29.41 20.34
N ASN A 435 -28.95 -30.20 20.98
CA ASN A 435 -28.50 -31.46 21.61
C ASN A 435 -27.91 -32.50 20.66
N LYS A 436 -28.29 -32.45 19.38
CA LYS A 436 -27.72 -33.31 18.36
C LYS A 436 -26.31 -32.89 17.96
N LEU A 437 -26.03 -31.59 18.07
CA LEU A 437 -24.74 -31.06 17.61
C LEU A 437 -23.73 -30.84 18.75
N TYR A 438 -24.27 -30.63 19.95
CA TYR A 438 -23.51 -30.42 21.16
C TYR A 438 -23.82 -31.58 22.15
N PRO A 439 -22.92 -32.55 22.27
CA PRO A 439 -23.23 -33.67 23.17
C PRO A 439 -23.15 -33.27 24.65
N MET A 440 -23.91 -33.94 25.51
CA MET A 440 -23.79 -33.76 26.95
C MET A 440 -22.38 -34.20 27.35
N ASN A 441 -21.63 -33.34 28.03
CA ASN A 441 -20.26 -33.74 28.37
C ASN A 441 -19.94 -33.65 29.86
N TYR A 442 -20.98 -33.49 30.68
CA TYR A 442 -20.87 -33.63 32.14
C TYR A 442 -22.24 -33.93 32.71
N GLU A 443 -22.30 -34.31 33.99
CA GLU A 443 -23.54 -34.58 34.68
C GLU A 443 -23.76 -33.61 35.83
N GLY A 444 -25.01 -33.31 36.11
CA GLY A 444 -25.32 -32.47 37.28
C GLY A 444 -25.90 -31.11 36.94
N ASP A 445 -26.74 -30.62 37.82
CA ASP A 445 -27.40 -29.31 37.62
C ASP A 445 -26.52 -28.18 38.17
N ILE A 446 -25.60 -27.69 37.34
CA ILE A 446 -24.55 -26.75 37.72
C ILE A 446 -23.94 -26.26 36.38
N PHE A 447 -23.34 -25.09 36.36
CA PHE A 447 -22.63 -24.66 35.14
C PHE A 447 -21.26 -25.31 35.12
N ALA A 448 -20.90 -25.91 33.99
CA ALA A 448 -19.53 -26.39 33.74
C ALA A 448 -19.22 -26.34 32.25
N GLN A 449 -17.99 -25.98 31.91
CA GLN A 449 -17.54 -25.96 30.54
C GLN A 449 -16.08 -26.41 30.55
N LYS A 450 -15.71 -27.20 29.55
CA LYS A 450 -14.35 -27.69 29.43
C LYS A 450 -13.58 -27.03 28.27
N LEU A 451 -12.32 -26.70 28.53
CA LEU A 451 -11.36 -26.23 27.54
C LEU A 451 -10.08 -27.01 27.76
N ASP A 452 -9.59 -27.63 26.67
CA ASP A 452 -8.43 -28.55 26.82
C ASP A 452 -8.51 -29.44 28.05
N ASN A 453 -7.53 -29.34 28.95
CA ASN A 453 -7.50 -30.18 30.18
C ASN A 453 -8.15 -29.56 31.39
N ARG A 454 -9.03 -28.57 31.19
CA ARG A 454 -9.48 -27.74 32.28
C ARG A 454 -11.00 -27.75 32.32
N TRP A 455 -11.56 -28.02 33.49
CA TRP A 455 -13.01 -27.86 33.74
C TRP A 455 -13.24 -26.58 34.52
N PHE A 456 -14.14 -25.72 34.02
CA PHE A 456 -14.51 -24.48 34.67
C PHE A 456 -15.91 -24.69 35.22
N VAL A 457 -16.12 -24.42 36.50
CA VAL A 457 -17.41 -24.76 37.12
C VAL A 457 -17.91 -23.57 37.92
N TYR A 458 -19.21 -23.29 37.88
CA TYR A 458 -19.75 -22.41 38.93
C TYR A 458 -21.17 -22.72 39.26
N ASN A 459 -21.58 -22.34 40.46
CA ASN A 459 -22.98 -22.44 40.91
C ASN A 459 -23.73 -21.26 40.23
N TYR A 460 -24.83 -21.51 39.51
CA TYR A 460 -25.48 -20.42 38.73
C TYR A 460 -26.60 -19.63 39.45
N LYS A 461 -26.89 -19.99 40.70
CA LYS A 461 -27.90 -19.25 41.49
C LYS A 461 -27.43 -17.81 41.69
N VAL A 462 -28.38 -16.87 41.63
CA VAL A 462 -28.10 -15.43 41.73
C VAL A 462 -28.39 -14.95 43.15
N ASN A 463 -29.61 -15.16 43.65
CA ASN A 463 -29.96 -14.61 44.99
C ASN A 463 -30.78 -15.68 45.79
N GLU A 464 -30.48 -16.95 45.51
CA GLU A 464 -31.15 -18.06 46.18
C GLU A 464 -30.07 -18.96 46.78
N ASN A 465 -30.23 -19.30 48.06
CA ASN A 465 -29.18 -20.03 48.76
C ASN A 465 -29.26 -21.55 48.58
N VAL A 466 -28.88 -22.00 47.39
CA VAL A 466 -29.00 -23.42 47.01
C VAL A 466 -27.65 -23.95 46.57
N LYS A 467 -27.23 -25.08 47.16
CA LYS A 467 -25.99 -25.76 46.74
C LYS A 467 -26.24 -26.50 45.42
N GLN A 468 -25.18 -26.66 44.62
CA GLN A 468 -25.27 -27.38 43.33
C GLN A 468 -24.12 -28.37 43.25
N THR A 469 -24.36 -29.44 42.50
CA THR A 469 -23.38 -30.51 42.39
C THR A 469 -23.22 -30.92 40.94
N GLY A 470 -22.01 -31.36 40.62
CA GLY A 470 -21.78 -31.91 39.28
C GLY A 470 -20.71 -32.99 39.25
N LYS A 471 -20.66 -33.73 38.16
CA LYS A 471 -19.65 -34.78 37.96
C LYS A 471 -18.96 -34.59 36.62
N LEU A 472 -17.65 -34.43 36.67
CA LEU A 472 -16.85 -34.03 35.54
C LEU A 472 -15.80 -35.12 35.34
N LYS A 473 -15.42 -35.33 34.09
CA LYS A 473 -14.39 -36.34 33.75
C LYS A 473 -13.23 -35.74 32.98
N PHE A 474 -12.04 -36.20 33.33
CA PHE A 474 -10.82 -35.98 32.57
C PHE A 474 -10.38 -37.42 32.21
N ASN A 475 -10.75 -37.89 31.03
CA ASN A 475 -10.53 -39.30 30.66
C ASN A 475 -11.01 -40.27 31.77
N SER A 476 -10.08 -40.94 32.42
CA SER A 476 -10.45 -41.93 33.41
C SER A 476 -10.65 -41.38 34.86
N LEU A 477 -10.23 -40.12 35.11
CA LEU A 477 -10.40 -39.46 36.41
C LEU A 477 -11.77 -38.83 36.48
N GLU A 478 -12.49 -39.16 37.54
CA GLU A 478 -13.85 -38.68 37.73
C GLU A 478 -13.82 -37.79 38.94
N MET A 479 -14.41 -36.60 38.82
CA MET A 479 -14.42 -35.60 39.89
C MET A 479 -15.84 -35.13 40.12
N ASN A 480 -16.34 -35.26 41.35
CA ASN A 480 -17.59 -34.58 41.76
C ASN A 480 -17.28 -33.33 42.54
N VAL A 481 -18.10 -32.30 42.37
CA VAL A 481 -17.96 -31.08 43.17
C VAL A 481 -19.31 -30.71 43.78
N GLU A 482 -19.27 -30.10 44.95
CA GLU A 482 -20.46 -29.44 45.50
C GLU A 482 -20.08 -27.99 45.84
N PHE A 483 -20.83 -27.05 45.27
CA PHE A 483 -20.56 -25.62 45.38
C PHE A 483 -21.77 -24.93 45.99
N GLU A 484 -21.55 -24.00 46.94
CA GLU A 484 -22.60 -23.03 47.33
C GLU A 484 -22.67 -21.94 46.25
N PRO A 485 -23.70 -21.07 46.31
CA PRO A 485 -23.77 -19.97 45.36
C PRO A 485 -22.54 -19.07 45.40
N HIS A 486 -22.29 -18.37 44.31
CA HIS A 486 -21.18 -17.38 44.21
C HIS A 486 -19.87 -18.10 44.48
N THR A 487 -19.66 -19.19 43.74
CA THR A 487 -18.44 -19.97 43.86
C THR A 487 -18.05 -20.44 42.45
N TYR A 488 -16.83 -20.17 42.01
CA TYR A 488 -16.39 -20.78 40.76
C TYR A 488 -15.06 -21.50 40.99
N GLY A 489 -14.76 -22.51 40.17
CA GLY A 489 -13.49 -23.22 40.28
C GLY A 489 -12.96 -23.54 38.90
N ILE A 490 -11.63 -23.69 38.79
CA ILE A 490 -10.96 -24.12 37.56
C ILE A 490 -10.13 -25.31 37.98
N PHE A 491 -10.35 -26.45 37.33
CA PHE A 491 -9.75 -27.72 37.73
C PHE A 491 -8.95 -28.18 36.51
N GLU A 492 -7.62 -28.24 36.64
CA GLU A 492 -6.76 -28.56 35.48
C GLU A 492 -6.06 -29.90 35.68
N ARG A 493 -6.27 -30.84 34.77
CA ARG A 493 -5.57 -32.12 34.87
C ARG A 493 -4.08 -31.85 34.56
N ILE A 494 -3.20 -32.18 35.49
CA ILE A 494 -1.74 -32.03 35.29
C ILE A 494 -1.05 -33.38 35.33
N SER A 495 0.23 -33.44 34.95
CA SER A 495 0.87 -34.77 34.79
C SER A 495 0.80 -35.59 36.09
N ASN A 496 0.94 -34.95 37.22
CA ASN A 496 0.87 -35.74 38.44
C ASN A 496 -0.38 -35.60 39.32
N GLY A 497 -1.49 -35.09 38.76
CA GLY A 497 -2.64 -34.81 39.59
C GLY A 497 -3.61 -33.80 39.02
N LEU A 498 -3.94 -32.81 39.86
CA LEU A 498 -4.95 -31.81 39.56
C LEU A 498 -4.52 -30.50 40.19
N LYS A 499 -4.54 -29.44 39.39
CA LYS A 499 -4.34 -28.06 39.85
C LYS A 499 -5.75 -27.47 40.06
N VAL A 500 -5.97 -26.85 41.22
CA VAL A 500 -7.26 -26.29 41.59
C VAL A 500 -7.12 -24.78 41.85
N ASN A 501 -7.93 -23.95 41.19
CA ASN A 501 -8.11 -22.52 41.60
C ASN A 501 -9.60 -22.37 41.97
N LEU A 502 -9.88 -21.87 43.17
CA LEU A 502 -11.24 -21.74 43.64
C LEU A 502 -11.44 -20.29 43.98
N ASN A 503 -12.65 -19.77 43.78
CA ASN A 503 -12.98 -18.44 44.29
C ASN A 503 -14.43 -18.41 44.72
N ASN A 504 -14.61 -18.18 46.02
CA ASN A 504 -15.96 -17.96 46.57
C ASN A 504 -15.98 -16.75 47.47
N PHE A 505 -15.16 -15.76 47.16
CA PHE A 505 -15.01 -14.57 48.00
C PHE A 505 -16.28 -13.77 48.06
N ARG A 506 -16.82 -13.60 49.26
CA ARG A 506 -18.07 -12.89 49.38
C ARG A 506 -18.11 -12.32 50.82
N THR A 507 -17.99 -10.99 50.96
CA THR A 507 -17.96 -10.35 52.26
C THR A 507 -19.38 -10.17 52.67
N ASN A 508 -19.55 -9.82 53.93
CA ASN A 508 -20.93 -9.68 54.45
C ASN A 508 -21.41 -8.27 54.27
N LYS A 509 -22.51 -8.09 53.54
CA LYS A 509 -23.04 -6.76 53.26
C LYS A 509 -24.28 -6.46 54.13
N ASP A 510 -24.58 -7.35 55.07
CA ASP A 510 -25.80 -7.19 55.88
C ASP A 510 -25.82 -5.85 56.62
N SER A 511 -24.64 -5.38 57.02
CA SER A 511 -24.56 -4.11 57.78
C SER A 511 -25.20 -2.92 57.03
N LEU A 512 -25.14 -2.96 55.69
CA LEU A 512 -25.72 -1.92 54.86
C LEU A 512 -27.23 -1.94 54.96
N TRP A 513 -27.77 -3.12 55.28
CA TRP A 513 -29.22 -3.37 55.37
C TRP A 513 -29.69 -3.53 56.86
N SER A 514 -28.87 -3.11 57.82
CA SER A 514 -29.23 -3.12 59.25
C SER A 514 -30.50 -2.33 59.45
N ASN A 515 -31.26 -2.66 60.48
CA ASN A 515 -32.42 -1.88 60.85
C ASN A 515 -33.62 -2.08 59.95
N ALA A 516 -33.52 -3.00 58.99
CA ALA A 516 -34.64 -3.29 58.07
C ALA A 516 -34.96 -4.77 58.14
N GLN A 517 -36.13 -5.12 58.69
CA GLN A 517 -36.44 -6.54 58.92
C GLN A 517 -37.15 -7.16 57.74
N ASP A 518 -37.58 -6.31 56.80
CA ASP A 518 -38.22 -6.74 55.57
C ASP A 518 -38.07 -5.71 54.42
N ALA A 519 -38.50 -6.10 53.22
CA ALA A 519 -38.35 -5.27 51.99
C ALA A 519 -39.03 -3.90 52.11
N ASN A 520 -40.19 -3.87 52.76
CA ASN A 520 -40.85 -2.60 53.04
C ASN A 520 -39.98 -1.69 53.90
N GLN A 521 -39.33 -2.21 54.95
CA GLN A 521 -38.47 -1.39 55.83
C GLN A 521 -37.19 -0.98 55.13
N ALA A 522 -36.60 -1.92 54.38
CA ALA A 522 -35.38 -1.67 53.60
C ALA A 522 -35.57 -0.52 52.64
N LYS A 523 -36.68 -0.56 51.92
CA LYS A 523 -36.97 0.45 50.92
C LYS A 523 -36.96 1.88 51.53
N LYS A 524 -37.23 1.97 52.83
CA LYS A 524 -37.40 3.27 53.54
C LYS A 524 -36.17 3.69 54.36
N LEU A 525 -35.10 2.93 54.23
CA LEU A 525 -33.88 3.32 54.89
C LEU A 525 -33.49 4.75 54.44
N PRO A 526 -32.74 5.48 55.29
CA PRO A 526 -32.26 6.75 54.72
C PRO A 526 -31.30 6.43 53.56
N GLN A 527 -31.38 7.14 52.45
CA GLN A 527 -30.38 6.93 51.34
C GLN A 527 -28.93 6.92 51.78
N LEU A 528 -28.17 6.00 51.22
CA LEU A 528 -26.76 6.01 51.51
C LEU A 528 -26.15 7.23 50.80
N THR A 529 -26.69 7.59 49.64
CA THR A 529 -26.08 8.60 48.72
C THR A 529 -24.72 8.20 48.10
N LYS A 530 -24.39 8.83 46.97
CA LYS A 530 -23.09 8.60 46.27
C LYS A 530 -21.92 8.91 47.19
N LYS A 531 -21.88 10.12 47.78
CA LYS A 531 -20.80 10.47 48.70
C LYS A 531 -20.73 9.53 49.90
N GLY A 532 -21.92 9.13 50.37
CA GLY A 532 -22.02 8.25 51.54
C GLY A 532 -21.50 6.85 51.27
N ALA A 533 -21.73 6.39 50.04
CA ALA A 533 -21.30 5.05 49.66
C ALA A 533 -19.78 5.04 49.45
N ILE A 534 -19.22 6.11 48.86
CA ILE A 534 -17.75 6.23 48.80
C ILE A 534 -17.17 6.24 50.23
N LYS A 535 -17.81 6.99 51.12
CA LYS A 535 -17.29 7.02 52.48
C LYS A 535 -17.42 5.64 53.17
N TRP A 536 -18.53 4.95 52.91
CA TRP A 536 -18.69 3.57 53.48
C TRP A 536 -17.57 2.66 53.00
N ILE A 537 -17.20 2.77 51.71
CA ILE A 537 -16.11 1.95 51.19
C ILE A 537 -14.81 2.29 51.92
N GLU A 538 -14.54 3.58 52.11
CA GLU A 538 -13.32 3.98 52.79
C GLU A 538 -13.22 3.43 54.22
N GLU A 539 -14.32 3.54 54.94
CA GLU A 539 -14.33 3.31 56.39
C GLU A 539 -14.68 1.88 56.80
N HIS A 540 -15.39 1.15 55.92
CA HIS A 540 -15.95 -0.18 56.28
C HIS A 540 -15.66 -1.30 55.27
N TYR A 541 -15.00 -0.96 54.15
CA TYR A 541 -14.65 -1.96 53.13
C TYR A 541 -13.16 -1.99 52.88
N ILE A 542 -12.54 -0.83 52.60
CA ILE A 542 -11.07 -0.76 52.52
C ILE A 542 -10.42 -1.16 53.85
N LYS A 543 -11.07 -0.73 54.94
CA LYS A 543 -10.67 -1.16 56.27
C LYS A 543 -11.87 -1.56 57.11
N ASP A 544 -11.60 -2.24 58.22
CA ASP A 544 -12.66 -2.68 59.12
C ASP A 544 -13.67 -3.58 58.37
N THR A 545 -13.15 -4.34 57.40
CA THR A 545 -14.01 -5.18 56.55
C THR A 545 -14.81 -6.21 57.35
N GLN A 546 -16.08 -6.37 57.00
CA GLN A 546 -16.90 -7.42 57.56
C GLN A 546 -16.81 -8.63 56.66
N PHE A 547 -15.83 -9.47 56.91
CA PHE A 547 -15.60 -10.59 55.99
C PHE A 547 -16.76 -11.55 56.12
N GLY A 548 -17.03 -12.32 55.07
CA GLY A 548 -18.11 -13.32 55.15
C GLY A 548 -17.69 -14.53 55.96
N GLU A 549 -18.63 -15.38 56.36
CA GLU A 549 -18.29 -16.67 56.97
C GLU A 549 -17.58 -17.60 56.01
N LYS A 550 -16.68 -18.42 56.54
CA LYS A 550 -16.05 -19.48 55.72
C LYS A 550 -17.19 -20.43 55.38
N ARG A 551 -17.16 -21.07 54.20
CA ARG A 551 -18.23 -21.95 53.79
C ARG A 551 -17.62 -23.12 53.01
N VAL A 552 -18.36 -24.24 52.98
CA VAL A 552 -17.81 -25.50 52.54
C VAL A 552 -17.98 -25.78 51.04
N THR A 553 -16.87 -26.19 50.41
CA THR A 553 -16.84 -26.73 49.06
C THR A 553 -16.35 -28.17 49.19
N LYS A 554 -17.00 -29.08 48.50
CA LYS A 554 -16.53 -30.48 48.46
C LYS A 554 -16.06 -30.88 47.06
N ILE A 555 -14.94 -31.61 47.01
CA ILE A 555 -14.42 -32.20 45.78
C ILE A 555 -14.24 -33.69 46.11
N VAL A 556 -14.79 -34.53 45.24
CA VAL A 556 -14.68 -35.99 45.42
C VAL A 556 -14.00 -36.56 44.18
N LEU A 557 -12.88 -37.25 44.38
CA LEU A 557 -12.19 -37.90 43.27
C LEU A 557 -12.51 -39.36 43.32
N ARG A 558 -12.84 -39.94 42.16
CA ARG A 558 -13.11 -41.38 42.09
C ARG A 558 -12.09 -42.04 41.18
N GLY A 559 -11.95 -43.36 41.24
CA GLY A 559 -10.90 -44.05 40.48
C GLY A 559 -9.48 -43.78 40.95
N ILE A 560 -9.32 -43.76 42.27
CA ILE A 560 -8.07 -43.34 42.92
C ILE A 560 -7.46 -44.49 43.76
N ASP A 561 -6.13 -44.66 43.66
CA ASP A 561 -5.39 -45.78 44.30
C ASP A 561 -4.89 -45.52 45.72
N LYS A 562 -4.45 -44.28 45.94
CA LYS A 562 -3.68 -43.87 47.08
C LYS A 562 -4.25 -42.53 47.53
N LEU A 563 -4.07 -42.22 48.80
CA LEU A 563 -4.38 -40.89 49.34
C LEU A 563 -3.58 -39.84 48.56
N PRO A 564 -4.26 -38.89 47.91
CA PRO A 564 -3.53 -37.79 47.28
C PRO A 564 -2.95 -36.86 48.33
N THR A 565 -1.95 -36.09 47.92
CA THR A 565 -1.36 -35.11 48.81
C THR A 565 -1.56 -33.73 48.25
N ILE A 566 -1.70 -32.77 49.15
CA ILE A 566 -1.87 -31.37 48.81
C ILE A 566 -0.52 -30.64 48.80
N HIS A 567 -0.31 -29.86 47.76
CA HIS A 567 0.91 -29.08 47.53
C HIS A 567 0.57 -27.65 47.10
N SER A 568 1.52 -26.73 47.32
CA SER A 568 1.42 -25.35 46.87
C SER A 568 0.12 -24.67 47.28
N LEU A 569 -0.27 -24.81 48.54
CA LEU A 569 -1.52 -24.25 49.02
C LEU A 569 -1.36 -22.76 49.37
N SER A 570 -2.15 -21.89 48.74
CA SER A 570 -2.16 -20.47 49.10
C SER A 570 -3.54 -19.87 48.82
N GLY A 571 -3.79 -18.69 49.33
CA GLY A 571 -5.00 -17.99 48.96
C GLY A 571 -5.13 -16.73 49.77
N THR A 572 -6.32 -16.15 49.74
CA THR A 572 -6.60 -14.94 50.48
C THR A 572 -6.15 -15.07 51.95
N ASN A 573 -5.37 -14.10 52.44
CA ASN A 573 -4.90 -14.19 53.82
C ASN A 573 -6.04 -14.43 54.86
N ASN A 574 -5.86 -15.38 55.77
CA ASN A 574 -6.83 -15.63 56.85
C ASN A 574 -8.24 -15.99 56.38
N SER A 575 -8.35 -16.76 55.29
CA SER A 575 -9.66 -16.97 54.65
C SER A 575 -9.95 -18.45 54.45
N TYR A 576 -9.04 -19.33 54.88
CA TYR A 576 -9.28 -20.77 54.68
C TYR A 576 -8.67 -21.63 55.80
N ASP A 577 -9.34 -22.74 56.10
CA ASP A 577 -8.75 -23.82 56.94
C ASP A 577 -7.93 -24.76 56.10
N GLN A 578 -7.05 -25.53 56.73
CA GLN A 578 -6.29 -26.54 55.98
C GLN A 578 -7.36 -27.53 55.45
N PRO A 579 -7.37 -27.83 54.12
CA PRO A 579 -8.36 -28.79 53.62
C PRO A 579 -8.24 -30.14 54.31
N SER A 580 -9.40 -30.74 54.57
CA SER A 580 -9.49 -32.08 55.18
C SER A 580 -9.78 -33.14 54.08
N LEU A 581 -9.05 -34.25 54.13
CA LEU A 581 -9.24 -35.38 53.23
C LEU A 581 -9.77 -36.62 53.98
N ASN A 582 -10.67 -37.36 53.29
CA ASN A 582 -11.21 -38.63 53.72
C ASN A 582 -11.13 -39.64 52.57
N PHE A 583 -10.21 -40.59 52.74
CA PHE A 583 -9.86 -41.58 51.75
C PHE A 583 -10.59 -42.88 52.08
N ASP A 584 -11.34 -43.37 51.10
CA ASP A 584 -12.11 -44.59 51.23
C ASP A 584 -11.43 -45.57 50.27
N GLN A 585 -10.50 -46.36 50.80
CA GLN A 585 -9.56 -47.14 49.98
C GLN A 585 -10.28 -48.16 49.08
N LYS A 586 -11.33 -48.75 49.63
CA LYS A 586 -12.09 -49.83 49.00
C LYS A 586 -12.82 -49.31 47.78
N ASN A 587 -13.30 -48.06 47.90
CA ASN A 587 -14.10 -47.41 46.88
C ASN A 587 -13.30 -46.49 45.98
N HIS A 588 -11.98 -46.59 46.08
CA HIS A 588 -11.07 -45.85 45.24
C HIS A 588 -11.48 -44.37 45.12
N MET A 589 -11.93 -43.82 46.25
CA MET A 589 -12.38 -42.41 46.30
C MET A 589 -11.86 -41.62 47.50
N VAL A 590 -11.75 -40.32 47.30
CA VAL A 590 -11.28 -39.39 48.33
C VAL A 590 -12.21 -38.18 48.31
N THR A 591 -12.70 -37.80 49.49
CA THR A 591 -13.48 -36.57 49.66
C THR A 591 -12.60 -35.49 50.27
N ILE A 592 -12.47 -34.38 49.54
CA ILE A 592 -11.72 -33.23 50.02
C ILE A 592 -12.71 -32.14 50.49
N THR A 593 -12.58 -31.70 51.75
CA THR A 593 -13.52 -30.73 52.29
C THR A 593 -12.76 -29.44 52.50
N ILE A 594 -13.29 -28.38 51.87
CA ILE A 594 -12.64 -27.04 51.99
C ILE A 594 -13.58 -26.11 52.70
N ASN A 595 -13.07 -25.37 53.67
CA ASN A 595 -13.88 -24.36 54.40
C ASN A 595 -13.17 -23.02 54.20
N SER A 596 -13.80 -22.13 53.42
CA SER A 596 -13.06 -20.91 53.02
C SER A 596 -13.99 -19.81 52.57
N ASN A 597 -13.41 -18.63 52.36
CA ASN A 597 -14.18 -17.51 51.77
C ASN A 597 -13.11 -16.60 51.21
N GLY A 598 -12.77 -16.78 49.96
CA GLY A 598 -11.69 -16.02 49.34
C GLY A 598 -11.29 -16.69 48.05
N ASN A 599 -10.08 -16.38 47.56
CA ASN A 599 -9.53 -17.23 46.49
C ASN A 599 -8.58 -18.22 47.11
N LEU A 600 -8.32 -19.27 46.36
CA LEU A 600 -7.58 -20.43 46.84
C LEU A 600 -6.97 -21.15 45.65
N GLU A 601 -5.76 -21.65 45.82
CA GLU A 601 -5.17 -22.56 44.84
C GLU A 601 -4.28 -23.60 45.51
N PHE A 602 -4.22 -24.77 44.89
CA PHE A 602 -3.38 -25.89 45.36
C PHE A 602 -3.32 -26.93 44.27
N GLU A 603 -2.36 -27.85 44.41
CA GLU A 603 -2.29 -29.03 43.56
C GLU A 603 -2.55 -30.24 44.45
N LEU A 604 -3.19 -31.23 43.88
CA LEU A 604 -3.35 -32.51 44.47
C LEU A 604 -2.46 -33.42 43.62
N HIS A 605 -1.55 -34.15 44.27
CA HIS A 605 -0.74 -35.12 43.56
C HIS A 605 -1.20 -36.54 43.88
N PHE A 606 -1.28 -37.37 42.83
CA PHE A 606 -1.73 -38.77 42.94
C PHE A 606 -1.40 -39.55 41.67
N VAL B 25 -9.45 -4.47 -35.82
CA VAL B 25 -9.14 -4.90 -34.40
C VAL B 25 -8.57 -3.69 -33.67
N ASP B 26 -9.05 -3.43 -32.45
CA ASP B 26 -8.59 -2.25 -31.69
C ASP B 26 -7.10 -2.35 -31.34
N LYS B 27 -6.38 -1.27 -31.59
CA LYS B 27 -4.92 -1.20 -31.24
C LYS B 27 -4.67 -1.42 -29.75
N ARG B 28 -3.57 -2.09 -29.44
CA ARG B 28 -3.17 -2.40 -28.09
C ARG B 28 -2.59 -1.20 -27.34
N ARG B 29 -2.07 -0.24 -28.11
CA ARG B 29 -1.51 1.01 -27.59
C ARG B 29 -1.65 2.06 -28.68
N GLU B 30 -1.52 3.32 -28.28
CA GLU B 30 -1.43 4.33 -29.27
C GLU B 30 0.05 4.71 -29.46
N ILE B 31 0.39 5.04 -30.69
CA ILE B 31 1.71 5.60 -31.03
C ILE B 31 1.46 6.75 -31.97
N ASN B 32 1.79 7.97 -31.54
CA ASN B 32 1.60 9.16 -32.33
C ASN B 32 2.27 10.33 -31.62
N ASN B 33 2.13 11.52 -32.19
CA ASN B 33 2.86 12.68 -31.64
C ASN B 33 2.56 12.92 -30.16
N GLU B 34 1.31 12.73 -29.76
CA GLU B 34 0.93 12.86 -28.34
C GLU B 34 1.26 11.65 -27.46
N HIS B 35 1.49 10.51 -28.11
CA HIS B 35 1.83 9.27 -27.40
C HIS B 35 3.10 8.66 -28.02
N PRO B 36 4.25 9.32 -27.84
CA PRO B 36 5.46 8.84 -28.52
C PRO B 36 5.90 7.55 -27.88
N LEU B 37 6.93 6.89 -28.44
CA LEU B 37 7.33 5.58 -27.98
C LEU B 37 8.83 5.59 -27.83
N LEU B 38 9.31 5.27 -26.62
CA LEU B 38 10.74 5.04 -26.37
C LEU B 38 10.89 3.55 -26.15
N MET B 39 11.56 2.87 -27.10
CA MET B 39 11.90 1.45 -26.95
C MET B 39 13.07 1.30 -25.96
N MET B 40 12.98 0.31 -25.07
CA MET B 40 13.95 0.10 -24.00
C MET B 40 14.53 -1.28 -24.19
N PRO B 41 15.63 -1.42 -24.95
CA PRO B 41 16.10 -2.77 -25.30
C PRO B 41 16.73 -3.60 -24.13
N LEU B 42 16.51 -4.91 -24.18
CA LEU B 42 17.13 -5.84 -23.23
C LEU B 42 17.60 -7.03 -24.07
N TYR B 43 18.92 -7.20 -24.16
CA TYR B 43 19.58 -8.20 -25.01
C TYR B 43 19.91 -9.49 -24.20
N ALA B 44 19.35 -10.63 -24.64
CA ALA B 44 19.57 -11.92 -23.97
C ALA B 44 21.06 -12.28 -23.88
N ASN B 45 21.46 -12.73 -22.68
CA ASN B 45 22.79 -13.26 -22.45
C ASN B 45 22.84 -14.75 -22.75
N GLY B 46 23.31 -15.05 -23.97
CA GLY B 46 23.36 -16.43 -24.50
C GLY B 46 24.34 -17.33 -23.76
N GLU B 47 25.46 -16.77 -23.31
CA GLU B 47 26.43 -17.55 -22.52
C GLU B 47 25.81 -18.04 -21.21
N GLU B 48 25.06 -17.16 -20.54
CA GLU B 48 24.42 -17.53 -19.29
C GLU B 48 23.18 -18.40 -19.54
N PHE B 49 22.53 -18.24 -20.68
CA PHE B 49 21.46 -19.16 -21.08
C PHE B 49 21.96 -20.61 -21.15
N ASN B 50 23.18 -20.80 -21.66
CA ASN B 50 23.83 -22.13 -21.70
C ASN B 50 24.04 -22.73 -20.31
N GLN B 51 24.04 -21.86 -19.31
CA GLN B 51 24.20 -22.25 -17.92
C GLN B 51 22.85 -22.38 -17.21
N GLY B 52 21.75 -22.21 -17.94
CA GLY B 52 20.39 -22.37 -17.42
C GLY B 52 19.85 -21.13 -16.71
N LYS B 53 20.52 -19.98 -16.93
CA LYS B 53 20.05 -18.71 -16.39
C LYS B 53 19.35 -17.87 -17.45
N TYR B 54 18.46 -16.96 -17.02
CA TYR B 54 17.73 -16.09 -17.90
C TYR B 54 18.11 -14.63 -17.55
N THR B 55 19.09 -14.13 -18.26
CA THR B 55 19.67 -12.84 -17.93
C THR B 55 19.94 -12.03 -19.19
N PHE B 56 20.28 -10.76 -18.97
CA PHE B 56 20.59 -9.81 -20.09
C PHE B 56 22.01 -9.28 -19.96
N TRP B 57 22.66 -9.06 -21.10
CA TRP B 57 23.97 -8.41 -21.14
C TRP B 57 23.86 -7.04 -20.49
N GLY B 58 24.78 -6.77 -19.56
CA GLY B 58 24.74 -5.47 -18.86
C GLY B 58 24.06 -5.53 -17.49
N GLY B 59 23.40 -6.66 -17.20
CA GLY B 59 22.88 -6.92 -15.88
C GLY B 59 21.54 -6.30 -15.50
N ASP B 60 20.87 -5.61 -16.43
CA ASP B 60 19.49 -5.22 -16.18
C ASP B 60 18.63 -6.50 -15.98
N THR B 61 17.56 -6.39 -15.19
CA THR B 61 16.55 -7.43 -15.11
C THR B 61 15.26 -6.81 -15.66
N LEU B 62 14.36 -7.64 -16.17
CA LEU B 62 13.14 -7.11 -16.79
C LEU B 62 12.34 -6.29 -15.77
N THR B 63 12.14 -6.88 -14.59
CA THR B 63 11.34 -6.25 -13.53
C THR B 63 12.09 -5.02 -12.94
N GLY B 64 13.38 -5.20 -12.66
CA GLY B 64 14.24 -4.10 -12.16
C GLY B 64 14.30 -2.91 -13.08
N LYS B 65 14.47 -3.15 -14.38
CA LYS B 65 14.56 -2.09 -15.39
C LYS B 65 13.24 -1.33 -15.44
N TRP B 66 12.14 -2.07 -15.51
CA TRP B 66 10.83 -1.45 -15.60
C TRP B 66 10.54 -0.58 -14.35
N GLU B 67 10.82 -1.12 -13.17
CA GLU B 67 10.65 -0.37 -11.91
C GLU B 67 11.42 0.94 -11.88
N ASN B 68 12.65 0.92 -12.41
CA ASN B 68 13.51 2.11 -12.53
C ASN B 68 13.03 3.18 -13.53
N ILE B 69 12.17 2.80 -14.48
CA ILE B 69 11.69 3.81 -15.42
C ILE B 69 10.82 4.83 -14.67
N PRO B 70 11.14 6.14 -14.78
CA PRO B 70 10.34 7.16 -14.11
C PRO B 70 8.87 6.97 -14.43
N ASP B 71 8.03 7.13 -13.41
CA ASP B 71 6.59 6.96 -13.59
C ASP B 71 5.94 7.80 -14.70
N ASP B 72 6.41 9.04 -14.92
CA ASP B 72 5.87 9.86 -16.02
C ASP B 72 6.17 9.25 -17.39
N LEU B 73 7.23 8.45 -17.47
CA LEU B 73 7.66 7.86 -18.74
C LEU B 73 7.03 6.48 -19.05
N LYS B 74 6.54 5.78 -18.01
CA LYS B 74 6.02 4.43 -18.19
C LYS B 74 4.94 4.23 -19.26
N PRO B 75 4.01 5.22 -19.43
CA PRO B 75 2.97 5.08 -20.47
C PRO B 75 3.50 5.26 -21.89
N TYR B 76 4.79 5.63 -22.02
CA TYR B 76 5.41 5.90 -23.32
C TYR B 76 6.63 5.02 -23.67
N THR B 77 6.87 3.99 -22.88
CA THR B 77 8.13 3.28 -22.85
C THR B 77 7.72 1.79 -22.94
N VAL B 78 8.40 1.00 -23.80
CA VAL B 78 8.03 -0.43 -23.91
C VAL B 78 9.36 -1.19 -23.89
N ILE B 79 9.43 -2.33 -23.21
CA ILE B 79 10.60 -3.20 -23.16
C ILE B 79 10.73 -3.96 -24.47
N GLN B 80 11.88 -3.85 -25.11
CA GLN B 80 12.09 -4.52 -26.38
C GLN B 80 13.08 -5.65 -26.09
N LEU B 81 12.59 -6.89 -26.07
CA LEU B 81 13.49 -8.01 -25.88
C LEU B 81 14.24 -8.31 -27.17
N HIS B 82 15.51 -8.69 -27.04
CA HIS B 82 16.33 -8.99 -28.24
C HIS B 82 17.12 -10.27 -27.94
N PRO B 83 17.18 -11.20 -28.90
CA PRO B 83 17.74 -12.52 -28.58
C PRO B 83 19.28 -12.58 -28.62
N ASP B 84 19.90 -11.50 -29.07
CA ASP B 84 21.36 -11.33 -29.17
C ASP B 84 22.05 -12.68 -29.48
N ASP B 85 22.85 -13.19 -28.55
CA ASP B 85 23.68 -14.36 -28.86
C ASP B 85 23.12 -15.68 -28.22
N LEU B 86 21.80 -15.76 -28.07
CA LEU B 86 21.21 -17.08 -27.74
C LEU B 86 21.64 -18.13 -28.79
N PRO B 87 21.76 -19.39 -28.36
CA PRO B 87 22.16 -20.46 -29.29
C PRO B 87 21.31 -20.45 -30.56
N LYS B 88 21.99 -20.65 -31.69
CA LYS B 88 21.35 -20.59 -32.97
C LYS B 88 20.83 -22.00 -33.35
N ARG B 89 19.71 -22.35 -32.72
CA ARG B 89 19.07 -23.64 -33.00
C ARG B 89 17.64 -23.53 -32.52
N ASP B 90 16.80 -24.50 -32.85
CA ASP B 90 15.38 -24.40 -32.47
C ASP B 90 15.18 -24.41 -30.99
N GLY B 91 14.25 -23.56 -30.55
CA GLY B 91 13.83 -23.61 -29.14
C GLY B 91 14.39 -22.56 -28.20
N ALA B 92 15.63 -22.17 -28.44
CA ALA B 92 16.34 -21.22 -27.58
C ALA B 92 15.60 -19.88 -27.42
N ALA B 93 15.28 -19.22 -28.55
CA ALA B 93 14.59 -17.91 -28.47
C ALA B 93 13.16 -18.06 -27.94
N ARG B 94 12.44 -19.13 -28.31
CA ARG B 94 11.09 -19.34 -27.70
C ARG B 94 11.14 -19.53 -26.19
N ASP B 95 12.07 -20.35 -25.70
CA ASP B 95 12.27 -20.57 -24.26
C ASP B 95 12.54 -19.22 -23.54
N PHE B 96 13.56 -18.49 -23.99
CA PHE B 96 13.94 -17.24 -23.35
C PHE B 96 12.76 -16.24 -23.39
N TYR B 97 12.13 -16.12 -24.55
CA TYR B 97 11.03 -15.16 -24.70
C TYR B 97 9.80 -15.51 -23.85
N GLU B 98 9.41 -16.80 -23.82
CA GLU B 98 8.25 -17.19 -23.01
C GLU B 98 8.53 -16.96 -21.52
N HIS B 99 9.76 -17.22 -21.11
CA HIS B 99 10.16 -16.94 -19.72
C HIS B 99 9.96 -15.46 -19.36
N MET B 100 10.44 -14.57 -20.24
CA MET B 100 10.35 -13.14 -19.97
C MET B 100 8.93 -12.61 -20.12
N LEU B 101 8.17 -13.14 -21.07
CA LEU B 101 6.79 -12.70 -21.22
C LEU B 101 5.97 -13.06 -19.97
N GLU B 102 6.20 -14.24 -19.41
CA GLU B 102 5.64 -14.60 -18.10
C GLU B 102 6.08 -13.60 -17.02
N GLU B 103 7.38 -13.31 -16.91
CA GLU B 103 7.85 -12.33 -15.92
C GLU B 103 7.11 -11.01 -16.10
N ALA B 104 7.01 -10.54 -17.36
CA ALA B 104 6.31 -9.27 -17.66
C ALA B 104 4.83 -9.30 -17.30
N ALA B 105 4.16 -10.39 -17.67
CA ALA B 105 2.74 -10.56 -17.46
C ALA B 105 2.36 -10.60 -15.96
N LYS B 106 3.22 -11.19 -15.13
CA LYS B 106 2.93 -11.40 -13.71
C LYS B 106 3.41 -10.25 -12.81
N TYR B 107 4.02 -9.20 -13.40
CA TYR B 107 4.56 -8.11 -12.59
C TYR B 107 3.53 -7.47 -11.66
N VAL B 108 3.97 -7.16 -10.45
CA VAL B 108 3.15 -6.51 -9.41
C VAL B 108 3.79 -5.18 -9.02
N ASN B 109 3.08 -4.08 -9.30
CA ASN B 109 3.49 -2.75 -8.87
C ASN B 109 3.54 -2.74 -7.34
N PRO B 110 4.76 -2.83 -6.75
CA PRO B 110 4.91 -3.14 -5.33
C PRO B 110 4.52 -1.98 -4.42
N LYS B 111 4.12 -0.85 -5.00
CA LYS B 111 3.60 0.26 -4.24
C LYS B 111 2.08 0.42 -4.41
N THR B 112 1.42 -0.56 -5.02
CA THR B 112 -0.05 -0.63 -5.09
C THR B 112 -0.48 -2.09 -4.91
N GLY B 113 0.45 -3.00 -5.16
CA GLY B 113 0.19 -4.44 -5.11
C GLY B 113 -0.72 -4.97 -6.22
N LYS B 114 -1.02 -4.14 -7.21
CA LYS B 114 -1.83 -4.52 -8.38
C LYS B 114 -0.96 -5.17 -9.44
N ASN B 115 -1.49 -6.24 -10.05
CA ASN B 115 -0.87 -6.84 -11.24
C ASN B 115 -0.96 -5.81 -12.38
N GLU B 116 0.19 -5.32 -12.83
CA GLU B 116 0.23 -4.41 -13.96
C GLU B 116 1.27 -4.96 -14.97
N PRO B 117 0.79 -5.79 -15.91
CA PRO B 117 1.61 -6.37 -16.95
C PRO B 117 2.47 -5.32 -17.61
N ILE B 118 3.76 -5.62 -17.70
CA ILE B 118 4.76 -4.78 -18.38
C ILE B 118 4.64 -4.94 -19.90
N PRO B 119 4.50 -3.82 -20.64
CA PRO B 119 4.34 -3.88 -22.07
C PRO B 119 5.67 -4.30 -22.71
N VAL B 120 5.59 -5.15 -23.75
CA VAL B 120 6.76 -5.81 -24.32
C VAL B 120 6.68 -5.72 -25.86
N ILE B 121 7.85 -5.61 -26.50
CA ILE B 121 7.93 -5.80 -27.96
C ILE B 121 8.97 -6.92 -28.15
N LEU B 122 8.75 -7.84 -29.08
CA LEU B 122 9.75 -8.92 -29.26
C LEU B 122 10.50 -8.67 -30.57
N THR B 123 11.82 -8.83 -30.54
CA THR B 123 12.59 -8.85 -31.78
C THR B 123 12.46 -10.22 -32.48
N VAL B 124 11.74 -10.24 -33.62
CA VAL B 124 11.40 -11.49 -34.30
C VAL B 124 12.19 -11.73 -35.58
N TYR B 125 12.92 -10.72 -36.07
CA TYR B 125 13.61 -10.86 -37.37
C TYR B 125 14.85 -9.98 -37.39
N THR B 126 16.03 -10.54 -37.64
CA THR B 126 17.20 -9.66 -37.72
C THR B 126 18.28 -10.47 -38.45
N ALA B 127 19.25 -9.79 -39.08
CA ALA B 127 20.25 -10.47 -39.96
C ALA B 127 19.62 -11.45 -40.95
N GLY B 128 18.51 -11.03 -41.53
CA GLY B 128 17.80 -11.85 -42.53
C GLY B 128 17.27 -13.14 -41.97
N ASN B 129 17.23 -13.24 -40.64
CA ASN B 129 16.89 -14.51 -39.93
C ASN B 129 17.67 -15.70 -40.47
N MET B 130 18.91 -15.44 -40.93
CA MET B 130 19.75 -16.55 -41.39
C MET B 130 20.11 -17.42 -40.18
N PRO B 131 20.01 -18.76 -40.35
CA PRO B 131 20.23 -19.62 -39.18
C PRO B 131 21.68 -19.60 -38.71
N TYR B 132 22.60 -19.14 -39.57
CA TYR B 132 23.96 -18.94 -39.09
C TYR B 132 24.13 -17.67 -38.25
N TYR B 133 23.16 -16.77 -38.27
CA TYR B 133 23.32 -15.46 -37.58
C TYR B 133 22.49 -15.23 -36.31
N THR B 134 21.32 -15.86 -36.25
CA THR B 134 20.38 -15.55 -35.16
C THR B 134 19.42 -16.68 -34.76
N SER B 135 19.26 -16.85 -33.44
CA SER B 135 18.21 -17.69 -32.86
C SER B 135 16.79 -17.26 -33.28
N ALA B 136 16.65 -16.02 -33.77
CA ALA B 136 15.32 -15.54 -34.15
C ALA B 136 14.74 -16.28 -35.35
N HIS B 137 15.59 -17.00 -36.12
CA HIS B 137 15.13 -17.82 -37.23
C HIS B 137 14.02 -18.76 -36.77
N TRP B 138 14.14 -19.27 -35.56
CA TRP B 138 13.25 -20.35 -35.07
C TRP B 138 12.11 -19.74 -34.26
N LEU B 139 11.52 -18.67 -34.81
CA LEU B 139 10.31 -18.05 -34.19
C LEU B 139 9.26 -17.99 -35.27
N SER B 140 8.32 -18.96 -35.27
CA SER B 140 7.38 -19.03 -36.39
C SER B 140 6.28 -17.99 -36.23
N THR B 141 5.62 -17.68 -37.33
CA THR B 141 4.48 -16.76 -37.32
C THR B 141 3.34 -17.35 -36.47
N SER B 142 3.22 -18.68 -36.50
CA SER B 142 2.19 -19.33 -35.68
C SER B 142 2.49 -19.11 -34.18
N TRP B 143 3.76 -19.24 -33.79
CA TRP B 143 4.14 -18.97 -32.43
C TRP B 143 3.86 -17.49 -32.06
N ILE B 144 4.21 -16.58 -32.96
CA ILE B 144 3.97 -15.16 -32.69
C ILE B 144 2.48 -14.90 -32.49
N ASP B 145 1.66 -15.47 -33.34
CA ASP B 145 0.19 -15.35 -33.18
C ASP B 145 -0.26 -15.87 -31.81
N LYS B 146 0.27 -17.03 -31.39
CA LYS B 146 -0.03 -17.64 -30.09
C LYS B 146 0.39 -16.71 -28.93
N MET B 147 1.52 -16.02 -29.10
CA MET B 147 2.00 -15.07 -28.06
C MET B 147 1.13 -13.82 -27.96
N TYR B 148 0.71 -13.28 -29.10
CA TYR B 148 -0.19 -12.12 -29.05
C TYR B 148 -1.48 -12.50 -28.32
N GLN B 149 -1.96 -13.71 -28.62
CA GLN B 149 -3.24 -14.17 -28.04
C GLN B 149 -3.14 -14.46 -26.55
N LYS B 150 -1.97 -14.91 -26.10
CA LYS B 150 -1.78 -15.25 -24.71
C LYS B 150 -1.46 -14.03 -23.84
N TYR B 151 -0.79 -13.02 -24.42
CA TYR B 151 -0.24 -11.88 -23.68
C TYR B 151 -0.75 -10.57 -24.21
N PRO B 152 -1.80 -10.00 -23.57
CA PRO B 152 -2.29 -8.71 -24.06
C PRO B 152 -1.21 -7.60 -23.92
N ASN B 153 -0.26 -7.81 -23.02
CA ASN B 153 0.90 -6.89 -22.84
C ASN B 153 1.98 -7.00 -23.93
N LEU B 154 1.84 -7.97 -24.85
CA LEU B 154 2.67 -7.96 -26.06
C LEU B 154 2.07 -6.98 -27.07
N HIS B 155 2.74 -5.84 -27.26
CA HIS B 155 2.17 -4.74 -28.08
C HIS B 155 2.70 -4.69 -29.49
N GLY B 156 3.80 -5.40 -29.75
CA GLY B 156 4.40 -5.32 -31.06
C GLY B 156 5.56 -6.29 -31.25
N ILE B 157 6.03 -6.40 -32.49
CA ILE B 157 7.14 -7.29 -32.84
C ILE B 157 8.06 -6.46 -33.73
N PHE B 158 9.36 -6.78 -33.74
CA PHE B 158 10.38 -5.85 -34.29
C PHE B 158 11.33 -6.61 -35.25
N SER B 159 11.57 -5.99 -36.40
CA SER B 159 12.60 -6.44 -37.34
C SER B 159 13.64 -5.36 -37.42
N THR B 160 14.92 -5.73 -37.48
CA THR B 160 15.95 -4.70 -37.43
C THR B 160 17.23 -5.14 -38.14
N ALA B 161 17.78 -4.23 -38.92
CA ALA B 161 19.18 -4.40 -39.43
C ALA B 161 19.36 -5.61 -40.36
N ASN B 162 18.62 -5.59 -41.46
CA ASN B 162 18.74 -6.64 -42.47
C ASN B 162 19.42 -6.15 -43.74
N TYR B 163 19.79 -4.85 -43.78
CA TYR B 163 20.27 -4.23 -45.01
C TYR B 163 21.49 -4.98 -45.57
N TRP B 164 22.31 -5.51 -44.67
CA TRP B 164 23.59 -6.13 -45.07
C TRP B 164 23.45 -7.62 -45.42
N ILE B 165 22.22 -8.14 -45.32
CA ILE B 165 21.97 -9.57 -45.58
C ILE B 165 20.52 -9.70 -46.04
N TRP B 166 20.27 -9.28 -47.28
CA TRP B 166 18.89 -9.09 -47.70
C TRP B 166 18.34 -10.44 -48.13
N ALA B 167 17.76 -11.16 -47.18
CA ALA B 167 17.37 -12.58 -47.40
C ALA B 167 16.26 -12.72 -48.42
N ASN B 168 16.29 -13.83 -49.16
CA ASN B 168 15.31 -14.16 -50.23
C ASN B 168 13.82 -13.97 -49.99
N ASP B 169 13.38 -14.23 -48.78
CA ASP B 169 11.96 -14.11 -48.50
C ASP B 169 11.71 -12.96 -47.51
N ILE B 170 12.61 -11.97 -47.45
CA ILE B 170 12.46 -10.93 -46.41
C ILE B 170 11.13 -10.18 -46.56
N GLU B 171 10.74 -9.87 -47.79
CA GLU B 171 9.50 -9.09 -48.04
C GLU B 171 8.26 -9.91 -47.73
N ASN B 172 8.28 -11.17 -48.16
CA ASN B 172 7.22 -12.12 -47.81
C ASN B 172 7.05 -12.28 -46.32
N LYS B 173 8.16 -12.40 -45.59
CA LYS B 173 8.08 -12.52 -44.13
C LYS B 173 7.58 -11.25 -43.46
N ALA B 174 8.01 -10.10 -43.98
CA ALA B 174 7.57 -8.83 -43.43
C ALA B 174 6.05 -8.64 -43.58
N ALA B 175 5.55 -9.07 -44.73
CA ALA B 175 4.12 -9.08 -44.96
C ALA B 175 3.44 -9.92 -43.89
N ASP B 176 4.01 -11.08 -43.56
CA ASP B 176 3.35 -11.96 -42.57
C ASP B 176 3.40 -11.34 -41.19
N TYR B 177 4.50 -10.65 -40.84
CA TYR B 177 4.63 -9.98 -39.53
C TYR B 177 3.64 -8.84 -39.41
N LEU B 178 3.46 -8.07 -40.48
CA LEU B 178 2.51 -6.94 -40.43
C LEU B 178 1.07 -7.50 -40.32
N LYS B 179 0.78 -8.51 -41.13
CA LYS B 179 -0.55 -9.17 -41.03
C LYS B 179 -0.88 -9.77 -39.65
N VAL B 180 0.06 -10.50 -39.02
CA VAL B 180 -0.21 -11.13 -37.74
C VAL B 180 -0.36 -10.05 -36.65
N SER B 181 0.37 -8.95 -36.83
CA SER B 181 0.28 -7.82 -35.92
C SER B 181 -1.09 -7.14 -36.06
N ALA B 182 -1.48 -6.81 -37.28
CA ALA B 182 -2.81 -6.19 -37.53
C ALA B 182 -3.96 -7.10 -36.99
N LYS B 183 -3.78 -8.42 -37.13
CA LYS B 183 -4.83 -9.40 -36.72
C LYS B 183 -5.08 -9.29 -35.23
N ASN B 184 -4.04 -8.86 -34.49
CA ASN B 184 -4.09 -8.89 -33.07
C ASN B 184 -4.09 -7.51 -32.40
N GLY B 185 -4.17 -6.46 -33.21
CA GLY B 185 -4.06 -5.07 -32.72
C GLY B 185 -2.67 -4.64 -32.27
N GLY B 186 -1.63 -5.42 -32.62
CA GLY B 186 -0.26 -5.04 -32.31
C GLY B 186 0.36 -4.26 -33.46
N TYR B 187 1.62 -3.84 -33.26
CA TYR B 187 2.40 -3.14 -34.30
C TYR B 187 3.52 -3.98 -34.82
N PHE B 188 3.78 -3.90 -36.12
CA PHE B 188 5.06 -4.40 -36.66
C PHE B 188 5.97 -3.18 -36.82
N ILE B 189 7.14 -3.21 -36.18
CA ILE B 189 8.08 -2.09 -36.21
C ILE B 189 9.32 -2.60 -36.96
N TRP B 190 9.78 -1.85 -37.97
CA TRP B 190 10.95 -2.32 -38.78
C TRP B 190 11.94 -1.17 -38.81
N ALA B 191 13.13 -1.38 -38.25
CA ALA B 191 14.19 -0.36 -38.30
C ALA B 191 15.17 -0.82 -39.38
N GLU B 192 15.36 0.01 -40.39
CA GLU B 192 16.17 -0.44 -41.52
C GLU B 192 16.82 0.77 -42.15
N GLN B 193 17.97 0.56 -42.80
CA GLN B 193 18.71 1.63 -43.45
C GLN B 193 18.81 1.33 -44.94
N ASN B 194 18.80 2.37 -45.76
CA ASN B 194 18.80 2.13 -47.22
C ASN B 194 20.17 1.70 -47.77
N ASN B 195 20.97 0.93 -47.02
CA ASN B 195 22.20 0.40 -47.64
C ASN B 195 21.76 -0.57 -48.71
N GLY B 196 22.44 -0.58 -49.85
CA GLY B 196 22.08 -1.49 -50.94
C GLY B 196 20.60 -1.44 -51.34
N SER B 197 20.02 -0.24 -51.34
CA SER B 197 18.65 -0.01 -51.78
C SER B 197 17.60 -0.70 -50.89
N ALA B 198 17.91 -0.97 -49.63
CA ALA B 198 17.05 -1.83 -48.83
C ALA B 198 15.61 -1.30 -48.75
N ILE B 199 15.42 0.01 -48.56
CA ILE B 199 14.01 0.50 -48.35
C ILE B 199 13.23 0.39 -49.68
N GLU B 200 13.91 0.70 -50.79
CA GLU B 200 13.29 0.52 -52.14
C GLU B 200 12.92 -0.94 -52.42
N LYS B 201 13.84 -1.86 -52.11
CA LYS B 201 13.52 -3.31 -52.27
C LYS B 201 12.36 -3.73 -51.39
N ALA B 202 12.36 -3.25 -50.15
CA ALA B 202 11.29 -3.61 -49.19
C ALA B 202 9.89 -3.38 -49.77
N PHE B 203 9.77 -2.34 -50.59
CA PHE B 203 8.49 -1.97 -51.23
C PHE B 203 8.31 -2.47 -52.68
N GLY B 204 9.24 -3.30 -53.14
CA GLY B 204 9.07 -4.06 -54.37
C GLY B 204 10.00 -3.69 -55.53
N LYS B 205 11.00 -2.86 -55.30
CA LYS B 205 11.86 -2.37 -56.40
C LYS B 205 12.29 -3.49 -57.33
N ASN B 206 12.77 -4.60 -56.75
CA ASN B 206 13.25 -5.72 -57.58
C ASN B 206 12.19 -6.79 -57.83
N GLY B 207 10.93 -6.45 -57.63
CA GLY B 207 9.88 -7.40 -57.95
C GLY B 207 9.23 -8.18 -56.82
N LYS B 208 9.73 -8.05 -55.59
CA LYS B 208 9.10 -8.77 -54.48
C LYS B 208 8.12 -7.84 -53.83
N ILE B 209 6.86 -8.01 -54.20
CA ILE B 209 5.86 -7.00 -53.82
C ILE B 209 4.97 -7.37 -52.67
N ALA B 210 5.22 -8.50 -51.99
CA ALA B 210 4.32 -8.94 -50.90
C ALA B 210 4.16 -7.89 -49.81
N PHE B 211 5.27 -7.24 -49.47
CA PHE B 211 5.20 -6.26 -48.37
C PHE B 211 4.49 -4.99 -48.84
N GLN B 212 4.76 -4.57 -50.06
CA GLN B 212 4.01 -3.46 -50.65
C GLN B 212 2.48 -3.71 -50.55
N LYS B 213 2.04 -4.91 -50.93
CA LYS B 213 0.61 -5.27 -50.88
C LYS B 213 0.05 -5.33 -49.46
N SER B 214 0.87 -5.80 -48.51
CA SER B 214 0.46 -5.93 -47.11
C SER B 214 0.24 -4.56 -46.50
N VAL B 215 1.15 -3.63 -46.82
CA VAL B 215 1.06 -2.23 -46.39
C VAL B 215 -0.20 -1.52 -46.93
N ASP B 216 -0.55 -1.77 -48.19
CA ASP B 216 -1.82 -1.23 -48.76
C ASP B 216 -3.01 -1.48 -47.84
N LYS B 217 -3.04 -2.67 -47.24
CA LYS B 217 -4.10 -3.09 -46.30
C LYS B 217 -3.87 -2.67 -44.85
N TYR B 218 -2.64 -2.84 -44.38
CA TYR B 218 -2.34 -2.84 -42.96
C TYR B 218 -1.44 -1.74 -42.45
N TRP B 219 -1.24 -0.69 -43.24
CA TRP B 219 -0.29 0.41 -42.89
C TRP B 219 -0.50 1.01 -41.52
N LYS B 220 -1.75 0.99 -41.03
CA LYS B 220 -2.04 1.51 -39.70
C LYS B 220 -1.39 0.75 -38.56
N ASN B 221 -0.86 -0.45 -38.84
CA ASN B 221 -0.21 -1.21 -37.78
C ASN B 221 1.30 -1.29 -38.01
N LEU B 222 1.80 -0.51 -38.97
CA LEU B 222 3.25 -0.49 -39.30
C LEU B 222 3.95 0.75 -38.68
N ILE B 223 5.13 0.54 -38.06
CA ILE B 223 6.03 1.63 -37.63
C ILE B 223 7.32 1.42 -38.41
N PHE B 224 7.78 2.44 -39.14
CA PHE B 224 9.03 2.30 -39.90
C PHE B 224 10.06 3.27 -39.34
N MET B 225 11.27 2.79 -39.07
CA MET B 225 12.34 3.57 -38.45
C MET B 225 13.63 3.47 -39.28
N PHE B 226 14.44 4.53 -39.29
CA PHE B 226 15.79 4.35 -39.84
C PHE B 226 16.61 3.58 -38.83
N LYS B 227 17.80 3.12 -39.23
CA LYS B 227 18.74 2.43 -38.35
C LYS B 227 20.13 2.93 -38.75
N ASN B 228 20.67 3.91 -38.02
CA ASN B 228 21.80 4.69 -38.60
C ASN B 228 23.20 4.12 -38.37
N THR B 229 23.23 2.86 -37.90
CA THR B 229 24.45 2.07 -37.70
C THR B 229 25.52 2.12 -38.82
N PRO B 230 25.15 1.83 -40.11
CA PRO B 230 26.14 1.63 -41.16
C PRO B 230 26.58 2.98 -41.73
N ALA B 231 27.15 3.81 -40.85
CA ALA B 231 27.36 5.23 -41.15
C ALA B 231 28.40 5.46 -42.25
N ALA B 232 29.24 4.48 -42.51
CA ALA B 232 30.24 4.68 -43.59
C ALA B 232 29.64 4.79 -44.98
N GLU B 233 28.47 4.16 -45.16
CA GLU B 233 27.75 4.25 -46.43
C GLU B 233 26.93 5.52 -46.65
N GLY B 234 26.79 6.36 -45.63
CA GLY B 234 26.26 7.74 -45.80
C GLY B 234 24.77 7.79 -46.17
N ASN B 235 23.99 6.76 -45.81
CA ASN B 235 22.54 6.73 -46.17
C ASN B 235 21.62 7.35 -45.14
N ASP B 236 22.18 8.13 -44.22
CA ASP B 236 21.33 8.73 -43.17
C ASP B 236 20.24 9.65 -43.69
N SER B 237 20.62 10.62 -44.51
CA SER B 237 19.66 11.65 -45.00
C SER B 237 18.58 11.02 -45.91
N THR B 238 19.00 10.06 -46.71
CA THR B 238 18.15 9.50 -47.70
C THR B 238 17.18 8.53 -47.03
N THR B 239 17.68 7.78 -46.05
CA THR B 239 16.76 6.87 -45.33
C THR B 239 15.76 7.71 -44.54
N GLU B 240 16.24 8.75 -43.90
CA GLU B 240 15.29 9.54 -43.07
C GLU B 240 14.26 10.22 -43.96
N SER B 241 14.70 10.67 -45.15
CA SER B 241 13.76 11.22 -46.16
C SER B 241 12.66 10.21 -46.49
N TYR B 242 13.05 8.95 -46.77
CA TYR B 242 12.04 7.92 -47.05
C TYR B 242 11.14 7.64 -45.86
N MET B 243 11.68 7.59 -44.65
CA MET B 243 10.78 7.32 -43.52
C MET B 243 9.70 8.41 -43.43
N LYS B 244 10.14 9.66 -43.55
CA LYS B 244 9.21 10.82 -43.54
C LYS B 244 8.18 10.75 -44.68
N GLY B 245 8.65 10.49 -45.91
CA GLY B 245 7.75 10.41 -47.06
C GLY B 245 6.80 9.25 -46.99
N LEU B 246 7.26 8.09 -46.48
CA LEU B 246 6.38 6.91 -46.36
C LEU B 246 5.23 7.24 -45.37
N TRP B 247 5.58 7.91 -44.29
CA TRP B 247 4.56 8.30 -43.32
C TRP B 247 3.54 9.30 -43.93
N LEU B 248 4.04 10.34 -44.60
CA LEU B 248 3.19 11.41 -45.15
C LEU B 248 2.28 10.84 -46.20
N SER B 249 2.71 9.77 -46.88
CA SER B 249 1.89 9.15 -47.95
C SER B 249 1.13 7.92 -47.49
N ASN B 250 0.98 7.74 -46.16
CA ASN B 250 0.18 6.66 -45.55
C ASN B 250 0.71 5.27 -45.90
N HIS B 251 2.02 5.15 -46.01
CA HIS B 251 2.64 3.83 -46.16
C HIS B 251 3.21 3.36 -44.84
N THR B 252 3.01 4.12 -43.76
CA THR B 252 3.35 3.63 -42.42
C THR B 252 2.59 4.50 -41.44
N TYR B 253 2.20 3.93 -40.30
CA TYR B 253 1.32 4.68 -39.35
C TYR B 253 2.08 5.83 -38.69
N GLN B 254 3.32 5.56 -38.30
CA GLN B 254 4.21 6.60 -37.72
C GLN B 254 5.62 6.15 -38.11
N TRP B 255 6.59 7.02 -37.86
CA TRP B 255 7.99 6.67 -38.19
C TRP B 255 8.88 7.07 -37.02
N GLY B 256 10.13 6.64 -37.06
CA GLY B 256 11.10 7.14 -36.11
C GLY B 256 12.49 6.70 -36.49
N GLY B 257 13.35 6.55 -35.50
CA GLY B 257 14.74 6.22 -35.84
C GLY B 257 15.43 5.51 -34.71
N LEU B 258 16.33 4.62 -35.08
CA LEU B 258 17.20 4.00 -34.12
C LEU B 258 18.57 4.63 -34.35
N MET B 259 19.09 5.30 -33.32
CA MET B 259 20.32 6.08 -33.41
C MET B 259 21.39 5.29 -32.67
N ASP B 260 22.55 5.08 -33.29
CA ASP B 260 23.43 4.04 -32.78
C ASP B 260 24.84 4.56 -32.65
N THR B 261 25.39 4.50 -31.44
CA THR B 261 26.77 4.97 -31.17
C THR B 261 27.83 4.13 -31.91
N TRP B 262 27.45 2.95 -32.38
CA TRP B 262 28.34 2.14 -33.23
C TRP B 262 28.70 2.85 -34.56
N LYS B 263 27.98 3.94 -34.91
CA LYS B 263 28.40 4.76 -36.09
C LYS B 263 29.84 5.23 -35.97
N TRP B 264 30.32 5.43 -34.73
CA TRP B 264 31.72 5.87 -34.49
C TRP B 264 32.72 4.77 -34.86
N TYR B 265 32.33 3.52 -34.64
CA TYR B 265 33.11 2.34 -35.11
C TYR B 265 33.05 2.19 -36.65
N GLU B 266 31.85 2.27 -37.21
CA GLU B 266 31.67 2.06 -38.65
C GLU B 266 32.44 3.12 -39.47
N THR B 267 32.61 4.33 -38.93
CA THR B 267 33.31 5.40 -39.65
C THR B 267 34.80 5.52 -39.26
N GLY B 268 35.28 4.64 -38.38
CA GLY B 268 36.71 4.56 -38.06
C GLY B 268 37.23 5.70 -37.19
N LYS B 269 36.35 6.37 -36.46
CA LYS B 269 36.82 7.46 -35.57
C LYS B 269 37.42 6.91 -34.28
N TRP B 270 38.18 7.74 -33.56
CA TRP B 270 38.70 7.31 -32.31
C TRP B 270 38.58 8.44 -31.29
N LYS B 271 39.68 8.87 -30.68
CA LYS B 271 39.63 9.94 -29.69
C LYS B 271 38.94 11.19 -30.24
N LEU B 272 38.10 11.85 -29.42
CA LEU B 272 37.29 12.99 -29.92
C LEU B 272 38.24 14.04 -30.49
N PHE B 273 37.94 14.55 -31.68
CA PHE B 273 38.72 15.64 -32.35
C PHE B 273 40.12 15.22 -32.87
N ALA B 274 40.52 13.96 -32.69
CA ALA B 274 41.86 13.52 -33.11
C ALA B 274 41.94 13.43 -34.60
N SER B 275 43.17 13.40 -35.11
CA SER B 275 43.41 13.25 -36.54
C SER B 275 43.63 11.77 -36.89
N GLY B 276 43.26 11.34 -38.10
CA GLY B 276 43.58 9.97 -38.54
C GLY B 276 42.40 9.04 -38.32
N ASN B 277 42.30 8.02 -39.16
CA ASN B 277 41.17 7.13 -39.15
C ASN B 277 41.69 5.72 -38.78
N ILE B 278 41.03 5.03 -37.83
CA ILE B 278 41.55 3.72 -37.40
C ILE B 278 40.76 2.56 -38.00
N GLY B 279 39.77 2.90 -38.85
CA GLY B 279 38.87 1.90 -39.43
C GLY B 279 38.08 1.12 -38.36
N LYS B 280 37.62 -0.07 -38.72
CA LYS B 280 36.70 -0.80 -37.87
C LYS B 280 37.48 -1.71 -36.91
N SER B 281 38.30 -1.12 -36.06
CA SER B 281 39.38 -1.85 -35.37
C SER B 281 39.33 -1.91 -33.85
N GLN B 282 38.49 -1.06 -33.25
CA GLN B 282 38.43 -0.87 -31.79
C GLN B 282 36.98 -0.72 -31.33
N GLY B 283 36.15 -1.65 -31.79
CA GLY B 283 34.68 -1.51 -31.68
C GLY B 283 34.21 -1.06 -30.30
N ASP B 284 34.63 -1.78 -29.26
CA ASP B 284 34.12 -1.53 -27.91
C ASP B 284 34.60 -0.21 -27.24
N ARG B 285 35.77 0.32 -27.65
CA ARG B 285 36.18 1.70 -27.32
C ARG B 285 35.37 2.71 -28.18
N GLN B 286 35.15 2.38 -29.45
CA GLN B 286 34.57 3.32 -30.38
C GLN B 286 33.08 3.55 -30.07
N TRP B 287 32.30 2.52 -29.73
CA TRP B 287 30.88 2.83 -29.47
C TRP B 287 30.61 3.58 -28.16
N LEU B 288 31.65 3.75 -27.33
CA LEU B 288 31.53 4.57 -26.11
C LEU B 288 31.86 6.01 -26.35
N THR B 289 32.47 6.33 -27.50
CA THR B 289 33.10 7.63 -27.67
C THR B 289 32.16 8.76 -28.13
N GLU B 290 31.09 8.46 -28.86
CA GLU B 290 30.21 9.56 -29.37
C GLU B 290 29.75 10.48 -28.26
N PRO B 291 29.94 11.82 -28.42
CA PRO B 291 29.45 12.76 -27.40
C PRO B 291 27.98 12.53 -27.05
N GLU B 292 27.67 12.57 -25.75
CA GLU B 292 26.32 12.29 -25.26
C GLU B 292 25.27 13.18 -25.91
N SER B 293 25.53 14.49 -25.99
CA SER B 293 24.53 15.44 -26.48
C SER B 293 24.30 15.28 -27.98
N MET B 294 25.26 14.67 -28.69
CA MET B 294 25.08 14.43 -30.10
C MET B 294 23.86 13.47 -30.37
N LEU B 295 23.60 12.52 -29.49
CA LEU B 295 22.36 11.69 -29.64
C LEU B 295 21.07 12.53 -29.64
N GLY B 296 21.05 13.59 -28.82
CA GLY B 296 19.90 14.56 -28.86
C GLY B 296 19.86 15.33 -30.18
N GLU B 297 21.01 15.71 -30.71
CA GLU B 297 21.04 16.36 -32.06
C GLU B 297 20.49 15.39 -33.15
N GLU B 298 20.87 14.13 -33.08
CA GLU B 298 20.24 13.09 -33.99
C GLU B 298 18.73 12.98 -33.76
N ALA B 299 18.31 12.90 -32.50
CA ALA B 299 16.90 12.67 -32.17
C ALA B 299 16.05 13.86 -32.60
N LEU B 300 16.63 15.06 -32.59
CA LEU B 300 15.88 16.24 -33.04
C LEU B 300 15.51 16.09 -34.52
N GLY B 301 16.32 15.39 -35.31
CA GLY B 301 15.92 15.18 -36.71
C GLY B 301 14.64 14.34 -36.85
N VAL B 302 14.43 13.43 -35.92
CA VAL B 302 13.17 12.69 -35.88
C VAL B 302 12.02 13.63 -35.44
N TYR B 303 12.19 14.23 -34.28
CA TYR B 303 11.15 15.11 -33.69
C TYR B 303 10.67 16.22 -34.64
N LEU B 304 11.62 16.97 -35.19
CA LEU B 304 11.30 18.20 -35.94
C LEU B 304 10.61 17.86 -37.26
N ASN B 305 10.61 16.59 -37.61
CA ASN B 305 9.97 16.14 -38.84
C ASN B 305 8.81 15.21 -38.65
N GLY B 306 8.25 15.20 -37.45
CA GLY B 306 7.00 14.46 -37.28
C GLY B 306 7.15 13.04 -36.80
N GLY B 307 8.40 12.62 -36.58
CA GLY B 307 8.69 11.27 -36.05
C GLY B 307 8.41 11.12 -34.55
N VAL B 308 8.05 9.92 -34.12
CA VAL B 308 7.59 9.71 -32.73
C VAL B 308 8.15 8.48 -32.00
N VAL B 309 9.01 7.73 -32.69
CA VAL B 309 9.52 6.48 -32.12
C VAL B 309 11.02 6.55 -32.06
N TYR B 310 11.56 6.18 -30.89
CA TYR B 310 13.01 6.38 -30.61
C TYR B 310 13.56 5.08 -30.03
N ASN B 311 14.77 4.71 -30.48
CA ASN B 311 15.42 3.53 -29.94
C ASN B 311 16.92 3.79 -30.13
N PHE B 312 17.76 3.15 -29.32
CA PHE B 312 19.19 3.47 -29.41
C PHE B 312 20.08 2.22 -29.21
N GLU B 313 21.32 2.28 -29.74
CA GLU B 313 22.36 1.29 -29.42
C GLU B 313 23.61 2.15 -29.26
N HIS B 314 24.68 1.66 -28.61
CA HIS B 314 24.74 0.42 -27.84
C HIS B 314 23.96 0.65 -26.53
N PRO B 315 23.12 -0.32 -26.12
CA PRO B 315 22.28 -0.12 -24.93
C PRO B 315 23.02 0.12 -23.60
N ALA B 316 24.22 -0.43 -23.43
CA ALA B 316 24.95 -0.23 -22.15
C ALA B 316 25.30 1.25 -21.90
N TYR B 317 25.70 1.94 -22.98
CA TYR B 317 26.03 3.37 -22.95
C TYR B 317 24.76 4.24 -23.02
N THR B 318 23.87 3.91 -23.95
CA THR B 318 22.73 4.79 -24.19
C THR B 318 21.60 4.69 -23.15
N TYR B 319 21.47 3.54 -22.47
CA TYR B 319 20.42 3.34 -21.45
C TYR B 319 21.01 3.13 -20.04
N GLY B 320 21.95 2.18 -19.95
CA GLY B 320 22.69 1.92 -18.74
C GLY B 320 22.88 0.42 -18.49
N VAL B 321 23.25 0.10 -17.26
CA VAL B 321 23.54 -1.28 -16.86
C VAL B 321 23.00 -1.49 -15.44
N ASN B 322 22.80 -2.75 -15.06
CA ASN B 322 22.45 -3.08 -13.66
C ASN B 322 21.24 -2.33 -13.14
N ASN B 323 20.27 -2.13 -14.02
CA ASN B 323 19.03 -1.41 -13.71
C ASN B 323 19.25 0.06 -13.31
N LYS B 324 20.39 0.62 -13.71
CA LYS B 324 20.72 2.03 -13.41
C LYS B 324 20.79 2.78 -14.75
N GLU B 325 20.41 4.06 -14.73
CA GLU B 325 20.46 4.88 -15.93
C GLU B 325 21.88 5.37 -16.13
N SER B 326 22.41 5.25 -17.35
CA SER B 326 23.68 5.91 -17.67
C SER B 326 23.43 7.42 -17.69
N LEU B 327 24.48 8.20 -17.55
CA LEU B 327 24.32 9.66 -17.64
C LEU B 327 23.88 10.14 -19.04
N LEU B 328 24.28 9.44 -20.09
CA LEU B 328 23.70 9.71 -21.43
C LEU B 328 22.18 9.64 -21.33
N PHE B 329 21.66 8.56 -20.77
CA PHE B 329 20.21 8.44 -20.67
C PHE B 329 19.60 9.50 -19.75
N SER B 330 20.16 9.66 -18.55
CA SER B 330 19.51 10.54 -17.58
C SER B 330 19.60 12.02 -17.97
N GLU B 331 20.71 12.45 -18.57
CA GLU B 331 20.94 13.86 -18.84
C GLU B 331 20.58 14.33 -20.25
N VAL B 332 20.44 13.39 -21.18
CA VAL B 332 20.18 13.70 -22.59
C VAL B 332 18.87 13.04 -23.04
N ILE B 333 18.86 11.71 -23.11
CA ILE B 333 17.74 10.99 -23.76
C ILE B 333 16.46 11.17 -22.93
N LYS B 334 16.58 11.06 -21.60
CA LYS B 334 15.40 11.16 -20.76
C LYS B 334 14.80 12.55 -20.82
N GLU B 335 15.65 13.57 -20.77
CA GLU B 335 15.18 14.95 -20.85
C GLU B 335 14.60 15.34 -22.22
N PHE B 336 15.27 14.89 -23.29
CA PHE B 336 14.75 15.01 -24.64
C PHE B 336 13.37 14.35 -24.77
N PHE B 337 13.25 13.11 -24.26
CA PHE B 337 12.01 12.39 -24.46
C PHE B 337 10.88 13.06 -23.64
N ARG B 338 11.23 13.53 -22.45
CA ARG B 338 10.29 14.34 -21.68
C ARG B 338 9.83 15.55 -22.48
N TYR B 339 10.75 16.19 -23.24
CA TYR B 339 10.40 17.35 -24.04
C TYR B 339 9.34 17.03 -25.10
N VAL B 340 9.52 15.91 -25.80
CA VAL B 340 8.65 15.58 -26.91
C VAL B 340 7.28 15.04 -26.43
N ILE B 341 7.18 14.66 -25.17
CA ILE B 341 5.89 14.32 -24.55
C ILE B 341 5.20 15.66 -24.18
N ALA B 342 5.95 16.54 -23.53
CA ALA B 342 5.40 17.86 -23.16
C ALA B 342 5.03 18.73 -24.35
N HIS B 343 5.76 18.56 -25.45
CA HIS B 343 5.55 19.34 -26.66
C HIS B 343 5.40 18.38 -27.83
N PRO B 344 4.18 17.83 -28.03
CA PRO B 344 4.06 16.80 -29.11
C PRO B 344 4.61 17.26 -30.48
N ALA B 345 5.32 16.35 -31.16
CA ALA B 345 5.90 16.59 -32.47
C ALA B 345 4.83 17.13 -33.44
N PRO B 346 5.27 17.81 -34.51
CA PRO B 346 4.26 18.33 -35.44
C PRO B 346 3.43 17.16 -36.01
N SER B 347 2.11 17.36 -36.13
CA SER B 347 1.23 16.30 -36.66
C SER B 347 1.50 16.10 -38.15
N LYS B 348 1.00 15.00 -38.72
CA LYS B 348 1.06 14.72 -40.14
C LYS B 348 0.48 15.90 -40.89
N GLU B 349 -0.72 16.33 -40.48
CA GLU B 349 -1.31 17.56 -41.10
C GLU B 349 -0.37 18.78 -41.12
N LYS B 350 0.20 19.16 -39.98
CA LYS B 350 1.15 20.25 -39.89
C LYS B 350 2.33 20.04 -40.88
N VAL B 351 2.97 18.87 -40.72
CA VAL B 351 4.14 18.56 -41.55
C VAL B 351 3.78 18.68 -43.03
N LEU B 352 2.59 18.22 -43.40
CA LEU B 352 2.07 18.23 -44.77
C LEU B 352 1.82 19.63 -45.29
N GLU B 353 1.11 20.45 -44.49
CA GLU B 353 0.92 21.87 -44.82
C GLU B 353 2.26 22.59 -44.98
N ASP B 354 3.31 22.19 -44.24
CA ASP B 354 4.67 22.79 -44.35
C ASP B 354 5.60 22.23 -45.49
N THR B 355 5.20 21.18 -46.17
CA THR B 355 6.07 20.51 -47.13
C THR B 355 5.83 21.21 -48.46
N LYS B 356 6.89 21.64 -49.13
CA LYS B 356 6.76 22.35 -50.40
C LYS B 356 7.10 21.48 -51.61
N VAL B 357 7.96 20.48 -51.36
CA VAL B 357 8.50 19.57 -52.37
C VAL B 357 8.42 18.12 -51.78
N PHE B 358 8.03 17.17 -52.62
CA PHE B 358 7.96 15.76 -52.23
C PHE B 358 8.62 14.96 -53.38
N ILE B 359 9.65 14.17 -53.07
CA ILE B 359 10.48 13.51 -54.10
C ILE B 359 9.92 12.12 -54.36
N HIS B 360 9.81 11.76 -55.63
CA HIS B 360 9.40 10.40 -56.01
C HIS B 360 10.55 9.74 -56.78
N GLY B 361 11.11 8.66 -56.24
CA GLY B 361 12.22 8.05 -56.95
C GLY B 361 13.24 7.43 -56.00
N ASP B 362 14.20 6.73 -56.59
CA ASP B 362 15.25 5.99 -55.89
C ASP B 362 16.51 6.79 -55.67
N TYR B 363 16.83 7.06 -54.39
CA TYR B 363 18.10 7.70 -54.04
C TYR B 363 19.31 6.82 -54.46
N SER B 364 19.10 5.49 -54.57
CA SER B 364 20.17 4.59 -55.00
C SER B 364 20.62 4.92 -56.41
N ASN B 365 19.78 5.62 -57.16
CA ASN B 365 20.04 5.92 -58.57
C ASN B 365 20.55 7.36 -58.70
N LYS B 366 20.66 8.07 -57.58
CA LYS B 366 21.11 9.48 -57.63
C LYS B 366 22.18 9.80 -56.58
N GLY B 367 23.08 8.87 -56.29
CA GLY B 367 24.25 9.14 -55.45
C GLY B 367 24.06 8.90 -53.95
N ASN B 368 22.91 8.35 -53.55
CA ASN B 368 22.64 8.07 -52.13
C ASN B 368 22.88 9.32 -51.31
N GLY B 369 23.71 9.27 -50.27
CA GLY B 369 23.87 10.46 -49.42
C GLY B 369 24.52 11.68 -50.08
N LYS B 370 25.27 11.50 -51.17
CA LYS B 370 25.72 12.63 -52.01
C LYS B 370 24.61 13.54 -52.44
N PHE B 371 23.38 13.03 -52.49
CA PHE B 371 22.25 13.79 -53.03
C PHE B 371 22.03 15.06 -52.18
N PHE B 372 22.25 14.95 -50.86
CA PHE B 372 22.04 16.09 -49.96
C PHE B 372 23.28 16.84 -49.48
N VAL B 373 24.47 16.36 -49.82
CA VAL B 373 25.70 17.04 -49.40
C VAL B 373 25.82 18.41 -50.09
N ASN B 374 26.14 19.44 -49.30
CA ASN B 374 26.10 20.82 -49.80
C ASN B 374 24.69 21.32 -50.18
N VAL B 375 23.67 20.55 -49.81
CA VAL B 375 22.28 21.02 -49.83
C VAL B 375 21.87 21.23 -48.37
N ASN B 376 21.71 20.15 -47.62
CA ASN B 376 21.48 20.31 -46.19
C ASN B 376 22.30 19.37 -45.30
N THR B 377 23.28 18.66 -45.88
CA THR B 377 24.33 18.00 -45.03
C THR B 377 25.71 18.46 -45.43
N ASP B 378 26.64 18.43 -44.48
CA ASP B 378 28.00 18.97 -44.71
C ASP B 378 29.01 17.94 -45.20
N ARG B 379 28.61 16.67 -45.22
CA ARG B 379 29.50 15.57 -45.61
C ARG B 379 28.62 14.36 -45.83
N GLU B 380 29.18 13.33 -46.50
CA GLU B 380 28.45 12.13 -46.74
C GLU B 380 28.18 11.33 -45.46
N GLN B 381 29.15 11.28 -44.55
CA GLN B 381 29.05 10.43 -43.35
C GLN B 381 28.64 11.25 -42.12
N THR B 382 27.36 11.56 -42.00
CA THR B 382 26.87 12.30 -40.81
C THR B 382 25.39 12.01 -40.60
N PRO B 383 24.95 12.00 -39.33
CA PRO B 383 23.54 11.87 -38.95
C PRO B 383 22.94 13.26 -38.64
N LEU B 384 23.69 14.32 -38.91
CA LEU B 384 23.24 15.71 -38.64
C LEU B 384 22.96 16.47 -39.92
N TYR B 385 22.30 17.62 -39.78
CA TYR B 385 22.06 18.55 -40.88
C TYR B 385 22.76 19.86 -40.63
N MET B 386 23.05 20.61 -41.68
CA MET B 386 23.76 21.87 -41.48
C MET B 386 22.86 23.04 -41.74
N THR B 387 21.64 22.78 -42.19
CA THR B 387 20.61 23.86 -42.27
C THR B 387 19.24 23.23 -42.12
N GLY B 388 18.33 23.98 -41.48
CA GLY B 388 16.93 23.52 -41.35
C GLY B 388 16.02 24.20 -42.38
N ARG B 389 16.62 24.93 -43.30
CA ARG B 389 15.86 25.66 -44.32
C ARG B 389 14.81 24.79 -45.03
N TYR B 390 15.18 23.55 -45.39
CA TYR B 390 14.27 22.70 -46.14
C TYR B 390 13.66 21.64 -45.23
N ASN B 391 13.88 21.78 -43.91
CA ASN B 391 13.69 20.65 -42.96
C ASN B 391 14.25 19.34 -43.55
N VAL B 392 13.51 18.23 -43.45
CA VAL B 392 13.89 17.01 -44.18
C VAL B 392 12.93 16.94 -45.37
N ILE B 393 13.50 16.94 -46.58
CA ILE B 393 12.67 16.78 -47.77
C ILE B 393 12.17 15.32 -47.87
N PRO B 394 10.84 15.13 -47.88
CA PRO B 394 10.32 13.77 -47.86
C PRO B 394 10.37 13.13 -49.26
N ALA B 395 10.47 11.80 -49.30
CA ALA B 395 10.50 11.08 -50.56
C ALA B 395 9.89 9.71 -50.37
N ILE B 396 9.46 9.10 -51.48
CA ILE B 396 9.20 7.66 -51.44
C ILE B 396 9.86 6.99 -52.62
N PRO B 397 10.19 5.70 -52.47
CA PRO B 397 10.88 4.99 -53.55
C PRO B 397 10.09 5.02 -54.88
N GLY B 398 10.80 4.87 -55.99
CA GLY B 398 10.10 4.91 -57.31
C GLY B 398 9.09 3.81 -57.54
N VAL B 399 9.23 2.70 -56.85
CA VAL B 399 8.26 1.60 -56.98
C VAL B 399 6.88 1.97 -56.44
N LEU B 400 6.79 2.95 -55.55
CA LEU B 400 5.45 3.33 -55.01
C LEU B 400 4.77 4.41 -55.85
N LYS B 401 3.46 4.62 -55.65
CA LYS B 401 2.64 5.72 -56.26
C LYS B 401 2.53 6.79 -55.13
N THR B 402 2.72 8.09 -55.30
CA THR B 402 1.86 9.20 -55.78
C THR B 402 0.35 9.06 -56.00
N ASP B 403 -0.15 9.21 -57.24
CA ASP B 403 -1.57 9.05 -57.61
C ASP B 403 -2.59 9.41 -56.54
N ARG B 413 -0.91 22.70 -53.38
CA ARG B 413 0.16 23.16 -52.47
C ARG B 413 1.53 22.48 -52.77
N ILE B 414 1.61 21.17 -52.61
CA ILE B 414 2.91 20.46 -52.65
C ILE B 414 3.32 20.11 -54.08
N GLN B 415 4.57 20.42 -54.47
CA GLN B 415 5.06 19.96 -55.76
C GLN B 415 5.64 18.55 -55.61
N ILE B 416 5.03 17.58 -56.28
CA ILE B 416 5.62 16.23 -56.34
C ILE B 416 6.56 16.21 -57.56
N LYS B 417 7.78 15.73 -57.35
CA LYS B 417 8.82 15.85 -58.36
C LYS B 417 9.55 14.52 -58.48
N GLU B 418 9.79 14.06 -59.71
CA GLU B 418 10.59 12.84 -59.92
C GLU B 418 12.03 13.14 -59.55
N ILE B 419 12.74 12.17 -58.97
CA ILE B 419 14.13 12.36 -58.61
C ILE B 419 14.97 12.54 -59.84
N THR B 420 14.45 12.04 -60.97
CA THR B 420 15.10 12.13 -62.28
C THR B 420 14.83 13.45 -63.01
N SER B 421 14.05 14.36 -62.41
CA SER B 421 13.76 15.65 -63.06
C SER B 421 15.00 16.54 -63.17
N PRO B 422 15.03 17.46 -64.16
CA PRO B 422 16.11 18.44 -64.27
C PRO B 422 16.38 19.22 -62.99
N GLU B 423 15.36 19.50 -62.19
CA GLU B 423 15.55 20.31 -60.99
C GLU B 423 16.35 19.58 -59.93
N PHE B 424 16.37 18.24 -59.97
CA PHE B 424 17.20 17.48 -59.01
C PHE B 424 18.47 16.87 -59.55
N SER B 425 18.91 17.33 -60.71
CA SER B 425 19.95 16.67 -61.50
C SER B 425 21.34 16.86 -60.92
N SER B 426 21.56 17.98 -60.25
CA SER B 426 22.86 18.32 -59.69
C SER B 426 22.63 19.07 -58.37
N THR B 427 23.69 19.17 -57.59
CA THR B 427 23.70 19.93 -56.34
C THR B 427 23.23 21.37 -56.57
N GLN B 428 23.79 21.98 -57.60
CA GLN B 428 23.47 23.38 -57.93
C GLN B 428 22.01 23.50 -58.30
N ALA B 429 21.52 22.61 -59.16
CA ALA B 429 20.14 22.69 -59.58
C ALA B 429 19.20 22.47 -58.40
N ARG B 430 19.56 21.53 -57.52
CA ARG B 430 18.74 21.27 -56.34
C ARG B 430 18.53 22.51 -55.48
N LYS B 431 19.61 23.22 -55.18
CA LYS B 431 19.55 24.43 -54.33
C LYS B 431 18.75 25.51 -55.01
N GLU B 432 18.96 25.63 -56.32
CA GLU B 432 18.27 26.65 -57.08
C GLU B 432 16.80 26.42 -57.04
N TYR B 433 16.34 25.20 -57.27
CA TYR B 433 14.93 24.90 -57.21
C TYR B 433 14.41 25.06 -55.79
N LEU B 434 15.10 24.42 -54.83
CA LEU B 434 14.59 24.42 -53.45
C LEU B 434 14.54 25.84 -52.86
N ASN B 435 15.53 26.65 -53.20
CA ASN B 435 15.68 27.97 -52.61
C ASN B 435 14.56 28.94 -53.02
N LYS B 436 13.87 28.68 -54.14
CA LYS B 436 12.70 29.46 -54.54
C LYS B 436 11.44 29.02 -53.82
N LEU B 437 11.45 27.81 -53.24
CA LEU B 437 10.27 27.32 -52.54
C LEU B 437 10.38 27.40 -51.00
N TYR B 438 11.60 27.38 -50.49
CA TYR B 438 11.82 27.43 -49.03
C TYR B 438 12.69 28.68 -48.82
N PRO B 439 12.13 29.75 -48.23
CA PRO B 439 12.96 30.95 -48.13
C PRO B 439 13.99 30.84 -47.02
N MET B 440 15.07 31.62 -47.14
CA MET B 440 16.10 31.66 -46.10
C MET B 440 15.46 32.34 -44.89
N ASN B 441 15.47 31.68 -43.72
CA ASN B 441 14.73 32.19 -42.58
C ASN B 441 15.60 32.39 -41.33
N TYR B 442 16.91 32.34 -41.54
CA TYR B 442 17.86 32.76 -40.49
C TYR B 442 19.19 33.00 -41.12
N GLU B 443 20.12 33.55 -40.36
CA GLU B 443 21.47 33.78 -40.87
C GLU B 443 22.47 32.97 -40.05
N GLY B 444 23.55 32.56 -40.71
CA GLY B 444 24.71 32.02 -40.02
C GLY B 444 24.92 30.56 -40.40
N ASP B 445 26.15 30.11 -40.21
CA ASP B 445 26.56 28.76 -40.58
C ASP B 445 26.41 27.86 -39.33
N ILE B 446 25.20 27.36 -39.15
CA ILE B 446 24.81 26.61 -37.95
C ILE B 446 23.46 25.97 -38.33
N PHE B 447 23.08 24.85 -37.70
CA PHE B 447 21.78 24.28 -37.95
C PHE B 447 20.70 25.05 -37.15
N ALA B 448 19.62 25.49 -37.82
CA ALA B 448 18.47 25.98 -37.06
C ALA B 448 17.20 25.67 -37.84
N GLN B 449 16.13 25.44 -37.09
CA GLN B 449 14.80 25.20 -37.66
C GLN B 449 13.79 25.82 -36.70
N LYS B 450 12.76 26.45 -37.27
CA LYS B 450 11.70 27.08 -36.46
C LYS B 450 10.44 26.27 -36.56
N LEU B 451 9.80 26.03 -35.41
CA LEU B 451 8.43 25.48 -35.33
C LEU B 451 7.63 26.44 -34.44
N ASP B 452 6.50 26.93 -34.96
CA ASP B 452 5.69 27.89 -34.21
C ASP B 452 6.56 29.01 -33.58
N ASN B 453 6.52 29.16 -32.28
CA ASN B 453 7.30 30.19 -31.56
C ASN B 453 8.65 29.66 -31.01
N ARG B 454 9.14 28.57 -31.61
CA ARG B 454 10.36 27.93 -31.11
C ARG B 454 11.47 27.83 -32.16
N TRP B 455 12.67 28.32 -31.82
CA TRP B 455 13.89 28.07 -32.61
C TRP B 455 14.66 26.92 -32.00
N PHE B 456 14.96 25.90 -32.83
CA PHE B 456 15.81 24.74 -32.43
C PHE B 456 17.11 24.94 -33.13
N VAL B 457 18.22 24.81 -32.40
CA VAL B 457 19.54 25.23 -32.94
C VAL B 457 20.56 24.20 -32.51
N TYR B 458 21.46 23.77 -33.40
CA TYR B 458 22.61 23.00 -32.94
C TYR B 458 23.85 23.22 -33.78
N ASN B 459 25.00 22.98 -33.19
CA ASN B 459 26.24 23.07 -33.91
C ASN B 459 26.34 21.73 -34.64
N TYR B 460 26.54 21.73 -35.96
CA TYR B 460 26.46 20.48 -36.78
C TYR B 460 27.79 19.76 -36.97
N LYS B 461 28.88 20.29 -36.39
CA LYS B 461 30.20 19.60 -36.49
C LYS B 461 30.15 18.28 -35.75
N VAL B 462 30.72 17.23 -36.35
CA VAL B 462 30.67 15.89 -35.75
C VAL B 462 31.92 15.66 -34.90
N ASN B 463 33.09 15.91 -35.50
CA ASN B 463 34.35 15.49 -34.87
C ASN B 463 35.42 16.57 -35.15
N GLU B 464 34.99 17.84 -35.19
CA GLU B 464 35.88 18.98 -35.47
C GLU B 464 35.54 20.06 -34.45
N ASN B 465 36.56 20.56 -33.76
CA ASN B 465 36.31 21.46 -32.61
C ASN B 465 36.16 22.91 -33.08
N VAL B 466 34.99 23.23 -33.66
CA VAL B 466 34.78 24.53 -34.30
C VAL B 466 33.46 25.13 -33.76
N LYS B 467 33.50 26.36 -33.24
CA LYS B 467 32.32 27.08 -32.80
C LYS B 467 31.50 27.55 -33.98
N GLN B 468 30.18 27.65 -33.79
CA GLN B 468 29.29 28.15 -34.84
C GLN B 468 28.38 29.22 -34.28
N THR B 469 27.93 30.10 -35.18
CA THR B 469 27.13 31.27 -34.81
C THR B 469 25.97 31.44 -35.76
N GLY B 470 24.88 31.99 -35.23
CA GLY B 470 23.74 32.32 -36.08
C GLY B 470 22.85 33.37 -35.46
N LYS B 471 22.02 33.96 -36.29
CA LYS B 471 21.08 34.98 -35.87
C LYS B 471 19.69 34.55 -36.26
N LEU B 472 18.84 34.49 -35.24
CA LEU B 472 17.48 33.98 -35.32
C LEU B 472 16.54 35.12 -34.92
N LYS B 473 15.35 35.17 -35.51
CA LYS B 473 14.37 36.21 -35.16
C LYS B 473 13.03 35.67 -34.70
N PHE B 474 12.43 36.38 -33.75
CA PHE B 474 11.07 36.10 -33.33
C PHE B 474 10.33 37.43 -33.49
N ASN B 475 9.80 37.70 -34.67
CA ASN B 475 9.33 39.07 -34.96
C ASN B 475 10.43 40.07 -34.65
N SER B 476 10.12 41.08 -33.84
CA SER B 476 11.09 42.16 -33.51
C SER B 476 12.36 41.66 -32.82
N LEU B 477 12.20 40.69 -31.92
CA LEU B 477 13.30 40.18 -31.10
C LEU B 477 14.33 39.41 -31.93
N GLU B 478 15.59 39.82 -31.84
CA GLU B 478 16.72 39.14 -32.51
C GLU B 478 17.54 38.39 -31.47
N MET B 479 17.96 37.18 -31.81
CA MET B 479 18.75 36.37 -30.88
C MET B 479 19.94 35.84 -31.65
N ASN B 480 21.12 36.26 -31.24
CA ASN B 480 22.33 35.72 -31.80
C ASN B 480 22.87 34.71 -30.82
N VAL B 481 23.36 33.57 -31.32
CA VAL B 481 23.95 32.56 -30.44
C VAL B 481 25.37 32.16 -30.92
N GLU B 482 26.17 31.69 -29.99
CA GLU B 482 27.47 31.09 -30.31
C GLU B 482 27.52 29.77 -29.54
N PHE B 483 27.64 28.66 -30.28
CA PHE B 483 27.59 27.28 -29.77
C PHE B 483 28.87 26.51 -30.09
N GLU B 484 29.48 25.86 -29.09
CA GLU B 484 30.54 24.87 -29.36
C GLU B 484 29.91 23.60 -29.97
N PRO B 485 30.74 22.66 -30.54
CA PRO B 485 30.22 21.36 -30.97
C PRO B 485 29.41 20.64 -29.89
N HIS B 486 28.50 19.77 -30.32
CA HIS B 486 27.73 18.89 -29.44
C HIS B 486 26.96 19.77 -28.44
N THR B 487 26.23 20.74 -29.00
CA THR B 487 25.37 21.63 -28.21
C THR B 487 24.12 21.83 -29.00
N TYR B 488 22.96 21.59 -28.39
CA TYR B 488 21.70 22.02 -29.02
C TYR B 488 20.89 22.88 -28.04
N GLY B 489 20.06 23.74 -28.58
CA GLY B 489 19.18 24.55 -27.74
C GLY B 489 17.80 24.71 -28.31
N ILE B 490 16.83 24.99 -27.44
CA ILE B 490 15.43 25.21 -27.91
C ILE B 490 15.03 26.51 -27.24
N PHE B 491 14.62 27.49 -28.05
CA PHE B 491 14.37 28.86 -27.59
C PHE B 491 12.94 29.23 -27.95
N GLU B 492 12.10 29.37 -26.91
CA GLU B 492 10.69 29.55 -27.14
C GLU B 492 10.25 30.93 -26.67
N ARG B 493 9.68 31.70 -27.58
CA ARG B 493 9.13 33.01 -27.23
C ARG B 493 7.80 32.79 -26.50
N ILE B 494 7.72 33.30 -25.27
CA ILE B 494 6.53 33.15 -24.42
C ILE B 494 6.01 34.55 -24.10
N SER B 495 4.81 34.67 -23.52
CA SER B 495 4.23 36.02 -23.43
C SER B 495 5.10 36.94 -22.56
N ASN B 496 5.73 36.34 -21.56
CA ASN B 496 6.51 37.13 -20.61
C ASN B 496 8.04 36.99 -20.80
N GLY B 497 8.47 36.51 -21.97
CA GLY B 497 9.91 36.46 -22.23
C GLY B 497 10.33 35.33 -23.15
N LEU B 498 11.30 34.55 -22.69
CA LEU B 498 11.87 33.48 -23.51
C LEU B 498 12.14 32.27 -22.65
N LYS B 499 11.65 31.09 -23.06
CA LYS B 499 12.00 29.81 -22.40
C LYS B 499 13.22 29.20 -23.11
N VAL B 500 14.17 28.72 -22.31
CA VAL B 500 15.44 28.19 -22.86
C VAL B 500 15.68 26.79 -22.36
N ASN B 501 15.97 25.85 -23.28
CA ASN B 501 16.46 24.51 -22.91
C ASN B 501 17.78 24.39 -23.67
N LEU B 502 18.85 23.99 -23.01
CA LEU B 502 20.17 23.90 -23.67
C LEU B 502 20.79 22.62 -23.18
N ASN B 503 21.35 21.83 -24.09
CA ASN B 503 22.06 20.63 -23.67
C ASN B 503 23.39 20.54 -24.42
N ASN B 504 24.48 20.52 -23.66
CA ASN B 504 25.82 20.32 -24.24
C ASN B 504 26.59 19.26 -23.46
N PHE B 505 25.89 18.31 -22.84
CA PHE B 505 26.50 17.31 -21.95
C PHE B 505 27.48 16.45 -22.74
N ARG B 506 28.73 16.43 -22.32
CA ARG B 506 29.75 15.64 -23.00
C ARG B 506 30.83 15.32 -21.99
N THR B 507 30.93 14.04 -21.61
CA THR B 507 31.95 13.63 -20.65
C THR B 507 33.26 13.35 -21.42
N ASN B 508 34.36 13.18 -20.67
CA ASN B 508 35.68 13.08 -21.25
C ASN B 508 36.00 11.59 -21.47
N LYS B 509 36.14 11.19 -22.73
CA LYS B 509 36.39 9.78 -23.12
C LYS B 509 37.86 9.51 -23.42
N ASP B 510 38.71 10.50 -23.15
CA ASP B 510 40.13 10.39 -23.51
C ASP B 510 40.79 9.19 -22.84
N SER B 511 40.32 8.79 -21.66
CA SER B 511 40.93 7.66 -20.93
C SER B 511 40.91 6.33 -21.72
N LEU B 512 39.90 6.17 -22.58
CA LEU B 512 39.76 4.99 -23.43
C LEU B 512 40.85 4.94 -24.49
N TRP B 513 41.35 6.11 -24.82
CA TRP B 513 42.32 6.22 -25.90
C TRP B 513 43.73 6.53 -25.38
N SER B 514 43.93 6.41 -24.07
CA SER B 514 45.28 6.64 -23.53
C SER B 514 46.26 5.60 -24.13
N ASN B 515 47.55 5.92 -24.09
CA ASN B 515 48.60 5.06 -24.67
C ASN B 515 48.65 5.10 -26.18
N ALA B 516 47.86 5.96 -26.82
CA ALA B 516 47.87 6.05 -28.28
C ALA B 516 47.97 7.51 -28.67
N GLN B 517 49.11 7.93 -29.22
CA GLN B 517 49.27 9.36 -29.55
C GLN B 517 48.75 9.65 -30.92
N ASP B 518 48.61 8.59 -31.74
CA ASP B 518 48.17 8.76 -33.14
C ASP B 518 47.30 7.59 -33.59
N ALA B 519 46.73 7.69 -34.80
CA ALA B 519 45.79 6.65 -35.29
C ALA B 519 46.46 5.29 -35.44
N ASN B 520 47.71 5.26 -35.91
CA ASN B 520 48.41 4.00 -36.02
C ASN B 520 48.44 3.25 -34.69
N GLN B 521 48.81 3.96 -33.64
CA GLN B 521 48.84 3.37 -32.28
C GLN B 521 47.45 3.01 -31.75
N ALA B 522 46.46 3.87 -31.98
CA ALA B 522 45.09 3.60 -31.55
C ALA B 522 44.52 2.30 -32.13
N LYS B 523 44.74 2.07 -33.42
CA LYS B 523 44.30 0.84 -34.07
C LYS B 523 44.87 -0.44 -33.40
N LYS B 524 46.05 -0.29 -32.83
CA LYS B 524 46.83 -1.41 -32.27
C LYS B 524 46.61 -1.64 -30.79
N LEU B 525 45.76 -0.81 -30.16
CA LEU B 525 45.51 -1.00 -28.75
C LEU B 525 44.95 -2.40 -28.49
N PRO B 526 45.14 -2.92 -27.27
CA PRO B 526 44.48 -4.19 -26.93
C PRO B 526 42.96 -4.04 -27.01
N GLN B 527 42.23 -5.03 -27.53
CA GLN B 527 40.73 -4.90 -27.60
C GLN B 527 40.15 -4.66 -26.21
N LEU B 528 39.24 -3.70 -26.11
CA LEU B 528 38.53 -3.54 -24.85
C LEU B 528 37.59 -4.74 -24.59
N THR B 529 36.96 -5.25 -25.67
CA THR B 529 35.97 -6.35 -25.65
C THR B 529 34.61 -5.93 -25.07
N LYS B 530 33.60 -6.77 -25.36
CA LYS B 530 32.21 -6.47 -24.97
C LYS B 530 32.16 -6.50 -23.47
N LYS B 531 32.66 -7.57 -22.85
CA LYS B 531 32.69 -7.66 -21.39
C LYS B 531 33.48 -6.51 -20.75
N GLY B 532 34.61 -6.20 -21.37
CA GLY B 532 35.45 -5.13 -20.89
C GLY B 532 34.78 -3.77 -20.96
N ALA B 533 34.03 -3.49 -22.04
CA ALA B 533 33.34 -2.20 -22.11
C ALA B 533 32.20 -2.09 -21.09
N ILE B 534 31.45 -3.18 -20.90
CA ILE B 534 30.40 -3.20 -19.86
C ILE B 534 31.02 -2.92 -18.46
N LYS B 535 32.16 -3.57 -18.19
CA LYS B 535 32.86 -3.33 -16.95
C LYS B 535 33.35 -1.84 -16.87
N TRP B 536 33.78 -1.27 -17.97
CA TRP B 536 34.23 0.15 -17.98
C TRP B 536 33.06 1.06 -17.60
N ILE B 537 31.88 0.80 -18.16
CA ILE B 537 30.69 1.59 -17.82
C ILE B 537 30.42 1.49 -16.31
N GLU B 538 30.39 0.26 -15.81
CA GLU B 538 30.22 0.03 -14.38
C GLU B 538 31.17 0.81 -13.51
N GLU B 539 32.46 0.73 -13.82
CA GLU B 539 33.47 1.26 -12.91
C GLU B 539 33.90 2.68 -13.22
N HIS B 540 33.61 3.18 -14.42
CA HIS B 540 34.18 4.47 -14.80
C HIS B 540 33.18 5.41 -15.45
N TYR B 541 31.93 4.97 -15.63
CA TYR B 541 30.91 5.82 -16.19
C TYR B 541 29.70 5.97 -15.24
N ILE B 542 29.14 4.85 -14.75
CA ILE B 542 28.10 4.89 -13.69
C ILE B 542 28.67 5.54 -12.42
N LYS B 543 29.93 5.27 -12.13
CA LYS B 543 30.62 5.90 -11.01
C LYS B 543 31.99 6.36 -11.43
N ASP B 544 32.60 7.24 -10.63
CA ASP B 544 33.91 7.80 -10.89
C ASP B 544 34.02 8.38 -12.32
N THR B 545 32.92 8.99 -12.77
CA THR B 545 32.78 9.53 -14.13
C THR B 545 33.80 10.62 -14.38
N GLN B 546 34.40 10.64 -15.58
CA GLN B 546 35.31 11.73 -15.91
C GLN B 546 34.51 12.78 -16.65
N PHE B 547 33.91 13.69 -15.91
CA PHE B 547 33.04 14.70 -16.52
C PHE B 547 33.87 15.62 -17.42
N GLY B 548 33.24 16.20 -18.46
CA GLY B 548 33.87 17.27 -19.22
C GLY B 548 33.98 18.54 -18.38
N GLU B 549 34.65 19.55 -18.93
CA GLU B 549 34.71 20.87 -18.33
C GLU B 549 33.49 21.69 -18.69
N LYS B 550 33.08 22.59 -17.81
CA LYS B 550 32.07 23.56 -18.23
C LYS B 550 32.62 24.31 -19.48
N ARG B 551 31.73 24.63 -20.40
CA ARG B 551 32.13 25.31 -21.61
C ARG B 551 31.10 26.38 -21.90
N VAL B 552 31.51 27.40 -22.63
CA VAL B 552 30.69 28.60 -22.75
C VAL B 552 29.73 28.61 -23.97
N THR B 553 28.50 29.05 -23.72
CA THR B 553 27.48 29.33 -24.74
C THR B 553 27.11 30.80 -24.55
N LYS B 554 27.01 31.52 -25.67
CA LYS B 554 26.65 32.95 -25.67
C LYS B 554 25.32 33.16 -26.38
N ILE B 555 24.44 33.98 -25.77
CA ILE B 555 23.16 34.32 -26.40
C ILE B 555 23.05 35.84 -26.26
N VAL B 556 22.83 36.54 -27.36
CA VAL B 556 22.70 38.00 -27.31
C VAL B 556 21.33 38.34 -27.81
N LEU B 557 20.54 39.02 -26.98
CA LEU B 557 19.20 39.42 -27.41
C LEU B 557 19.18 40.93 -27.70
N ARG B 558 18.64 41.30 -28.87
CA ARG B 558 18.51 42.68 -29.29
C ARG B 558 17.01 42.99 -29.43
N GLY B 559 16.58 44.19 -29.05
CA GLY B 559 15.15 44.52 -29.04
C GLY B 559 14.54 44.31 -27.67
N ILE B 560 15.34 44.58 -26.64
CA ILE B 560 15.08 44.33 -25.22
C ILE B 560 15.13 45.65 -24.41
N ASP B 561 14.11 45.94 -23.61
CA ASP B 561 14.01 47.27 -22.97
C ASP B 561 14.37 47.35 -21.49
N LYS B 562 14.45 46.21 -20.83
CA LYS B 562 14.80 46.13 -19.44
C LYS B 562 15.72 44.91 -19.24
N LEU B 563 16.55 44.94 -18.19
CA LEU B 563 17.25 43.75 -17.73
C LEU B 563 16.27 42.62 -17.44
N PRO B 564 16.39 41.47 -18.15
CA PRO B 564 15.56 40.32 -17.80
C PRO B 564 15.90 39.69 -16.49
N THR B 565 14.95 38.99 -15.91
CA THR B 565 15.20 38.18 -14.75
C THR B 565 15.15 36.69 -15.10
N ILE B 566 15.90 35.89 -14.35
CA ILE B 566 15.97 34.46 -14.57
C ILE B 566 15.06 33.71 -13.64
N HIS B 567 14.26 32.80 -14.19
CA HIS B 567 13.33 32.01 -13.39
C HIS B 567 13.40 30.54 -13.76
N SER B 568 12.99 29.69 -12.81
CA SER B 568 12.85 28.25 -13.02
C SER B 568 14.15 27.60 -13.57
N LEU B 569 15.29 27.95 -12.96
CA LEU B 569 16.58 27.44 -13.40
C LEU B 569 16.82 26.07 -12.82
N SER B 570 17.13 25.10 -13.69
CA SER B 570 17.51 23.76 -13.23
C SER B 570 18.36 23.10 -14.31
N GLY B 571 18.98 22.00 -14.00
CA GLY B 571 19.82 21.31 -15.03
C GLY B 571 20.63 20.25 -14.33
N THR B 572 21.54 19.58 -15.06
CA THR B 572 22.33 18.49 -14.52
C THR B 572 23.02 18.96 -13.22
N ASN B 573 23.00 18.14 -12.16
CA ASN B 573 23.56 18.56 -10.85
C ASN B 573 25.00 19.01 -10.98
N ASN B 574 25.35 20.12 -10.34
CA ASN B 574 26.74 20.60 -10.30
C ASN B 574 27.41 20.93 -11.64
N SER B 575 26.63 21.27 -12.66
CA SER B 575 27.17 21.32 -14.01
C SER B 575 27.07 22.71 -14.64
N TYR B 576 26.54 23.71 -13.91
CA TYR B 576 26.37 25.03 -14.52
C TYR B 576 26.54 26.15 -13.51
N ASP B 577 26.99 27.30 -13.98
CA ASP B 577 26.99 28.53 -13.17
C ASP B 577 25.66 29.22 -13.40
N GLN B 578 25.34 30.21 -12.56
CA GLN B 578 24.19 31.05 -12.87
C GLN B 578 24.46 31.74 -14.21
N PRO B 579 23.53 31.67 -15.18
CA PRO B 579 23.77 32.44 -16.41
C PRO B 579 23.97 33.94 -16.08
N SER B 580 25.00 34.55 -16.69
CA SER B 580 25.37 35.97 -16.48
C SER B 580 24.68 36.84 -17.46
N LEU B 581 24.16 37.96 -16.98
CA LEU B 581 23.43 38.91 -17.80
C LEU B 581 24.15 40.28 -17.84
N ASN B 582 24.43 40.77 -19.02
CA ASN B 582 25.02 42.08 -19.22
C ASN B 582 24.07 42.90 -20.08
N PHE B 583 23.20 43.65 -19.39
CA PHE B 583 22.22 44.49 -20.06
C PHE B 583 22.80 45.84 -20.50
N ASP B 584 22.69 46.14 -21.80
CA ASP B 584 23.10 47.42 -22.36
C ASP B 584 21.87 48.27 -22.72
N GLN B 585 21.45 49.11 -21.77
CA GLN B 585 20.28 49.96 -21.91
C GLN B 585 20.24 50.77 -23.22
N LYS B 586 21.34 51.41 -23.57
CA LYS B 586 21.32 52.35 -24.70
C LYS B 586 21.11 51.62 -26.00
N ASN B 587 21.61 50.38 -26.04
CA ASN B 587 21.55 49.54 -27.24
C ASN B 587 20.42 48.53 -27.17
N HIS B 588 19.58 48.62 -26.14
CA HIS B 588 18.43 47.74 -25.90
C HIS B 588 18.78 46.27 -26.17
N MET B 589 19.83 45.81 -25.49
CA MET B 589 20.34 44.49 -25.72
C MET B 589 20.89 43.89 -24.44
N VAL B 590 20.89 42.56 -24.35
CA VAL B 590 21.47 41.85 -23.22
C VAL B 590 22.34 40.72 -23.77
N THR B 591 23.51 40.57 -23.18
CA THR B 591 24.42 39.48 -23.46
C THR B 591 24.34 38.47 -22.31
N ILE B 592 23.99 37.23 -22.67
CA ILE B 592 23.84 36.14 -21.71
C ILE B 592 24.99 35.16 -21.93
N THR B 593 25.74 34.89 -20.86
CA THR B 593 26.87 33.98 -20.94
C THR B 593 26.51 32.81 -20.06
N ILE B 594 26.56 31.61 -20.67
CA ILE B 594 26.30 30.39 -19.95
C ILE B 594 27.59 29.58 -19.90
N ASN B 595 27.92 29.04 -18.72
CA ASN B 595 29.12 28.21 -18.53
C ASN B 595 28.60 26.90 -17.93
N SER B 596 28.60 25.82 -18.74
CA SER B 596 27.89 24.59 -18.36
C SER B 596 28.40 23.36 -19.10
N ASN B 597 28.05 22.19 -18.60
CA ASN B 597 28.26 20.95 -19.30
C ASN B 597 27.19 19.98 -18.81
N GLY B 598 26.07 19.90 -19.53
CA GLY B 598 24.92 19.17 -19.03
C GLY B 598 23.65 19.59 -19.72
N ASN B 599 22.52 19.19 -19.14
CA ASN B 599 21.23 19.73 -19.54
C ASN B 599 20.97 20.97 -18.70
N LEU B 600 20.30 21.95 -19.30
CA LEU B 600 19.97 23.22 -18.65
C LEU B 600 18.60 23.76 -19.10
N GLU B 601 17.80 24.29 -18.15
CA GLU B 601 16.61 25.02 -18.56
C GLU B 601 16.35 26.20 -17.62
N PHE B 602 15.75 27.24 -18.19
CA PHE B 602 15.35 28.44 -17.43
C PHE B 602 14.49 29.30 -18.33
N GLU B 603 13.85 30.31 -17.73
CA GLU B 603 13.07 31.30 -18.43
C GLU B 603 13.70 32.63 -18.16
N LEU B 604 13.76 33.46 -19.19
CA LEU B 604 14.04 34.88 -19.02
C LEU B 604 12.70 35.60 -19.06
N HIS B 605 12.45 36.47 -18.10
CA HIS B 605 11.22 37.33 -18.13
C HIS B 605 11.65 38.76 -18.44
N PHE B 606 11.04 39.37 -19.46
CA PHE B 606 11.36 40.73 -19.90
C PHE B 606 10.20 41.34 -20.69
C1 NAG C . -31.01 5.47 32.76
C2 NAG C . -30.22 6.56 33.49
C3 NAG C . -28.72 6.25 33.31
C4 NAG C . -28.36 4.77 33.64
C5 NAG C . -29.35 3.79 32.93
C6 NAG C . -29.26 2.34 33.40
C7 NAG C . -31.54 8.74 33.48
C8 NAG C . -32.93 8.81 32.85
N2 NAG C . -30.60 7.89 32.97
O1 NAG C . -32.38 5.66 32.97
O3 NAG C . -27.86 7.07 34.10
O4 NAG C . -26.96 4.48 33.39
O5 NAG C . -30.66 4.20 33.26
O6 NAG C . -29.96 1.39 32.56
O7 NAG C . -31.34 9.50 34.43
C1 GAL C . -26.26 4.00 34.54
C2 GAL C . -25.38 5.09 35.17
C3 GAL C . -25.13 4.89 36.68
C4 GAL C . -26.42 4.52 37.40
C5 GAL C . -26.98 3.26 36.74
C6 GAL C . -28.31 2.76 37.29
O2 GAL C . -24.11 5.02 34.55
O3 GAL C . -24.56 6.09 37.23
O4 GAL C . -27.34 5.60 37.31
O5 GAL C . -27.29 3.58 35.42
O6 GAL C . -28.50 1.44 36.80
C1 FUC C . -23.52 6.27 34.12
C2 FUC C . -22.09 5.93 33.67
C3 FUC C . -22.06 5.09 32.37
C4 FUC C . -22.89 5.79 31.30
C5 FUC C . -24.30 6.03 31.87
C6 FUC C . -25.25 6.64 30.86
O2 FUC C . -21.38 5.22 34.67
O3 FUC C . -20.72 4.98 31.91
O4 FUC C . -22.26 7.02 30.91
O5 FUC C . -24.27 6.82 33.06
O5 A2G C . -22.97 5.43 38.79
C1 A2G C . -24.17 6.21 38.48
C2 A2G C . -23.88 7.66 38.88
N2 A2G C . -25.06 8.49 38.64
C3 A2G C . -22.70 8.18 38.05
O3 A2G C . -22.39 9.52 38.46
C4 A2G C . -21.47 7.23 38.28
O4 A2G C . -21.09 7.34 39.65
C5 A2G C . -21.81 5.78 37.95
C6 A2G C . -20.70 4.75 38.37
O6 A2G C . -21.07 3.37 38.08
C7 A2G C . -25.74 8.96 39.71
O7 A2G C . -25.41 8.74 40.87
C8 A2G C . -26.99 9.81 39.44
C1 FUC C . -28.21 8.44 34.43
C2 FUC C . -27.31 8.96 35.58
C3 FUC C . -25.87 9.17 35.07
C4 FUC C . -25.91 10.11 33.88
C5 FUC C . -26.87 9.62 32.79
C6 FUC C . -26.97 10.72 31.73
O2 FUC C . -27.33 8.14 36.74
O3 FUC C . -25.04 9.74 36.07
O4 FUC C . -26.32 11.38 34.34
O5 FUC C . -28.17 9.33 33.31
C1 NAG D . 27.52 -6.66 -40.10
C2 NAG D . 27.62 -7.51 -38.85
C3 NAG D . 26.50 -7.06 -37.89
C4 NAG D . 26.43 -5.52 -37.70
C5 NAG D . 26.43 -4.78 -39.06
C6 NAG D . 26.61 -3.25 -38.96
C7 NAG D . 28.37 -9.87 -39.54
C8 NAG D . 28.88 -10.00 -40.98
N2 NAG D . 27.44 -8.91 -39.27
O1 NAG D . 28.63 -6.95 -40.89
O3 NAG D . 26.64 -7.60 -36.59
O4 NAG D . 25.26 -5.18 -36.92
O5 NAG D . 27.51 -5.27 -39.83
O6 NAG D . 26.44 -2.49 -40.19
O7 NAG D . 28.78 -10.67 -38.69
C1 GAL D . 25.50 -4.37 -35.75
C2 GAL D . 25.38 -5.25 -34.48
C3 GAL D . 26.30 -4.78 -33.34
C4 GAL D . 27.68 -4.35 -33.83
C5 GAL D . 27.49 -3.25 -34.87
C6 GAL D . 28.85 -2.82 -35.47
O2 GAL D . 24.06 -5.14 -33.98
O3 GAL D . 26.46 -5.79 -32.37
O4 GAL D . 28.38 -5.46 -34.35
O5 GAL D . 26.76 -3.74 -35.94
O6 GAL D . 28.60 -1.65 -36.24
C1 FUC D . 23.44 -6.39 -33.64
C2 FUC D . 22.14 -6.08 -32.92
C3 FUC D . 21.14 -5.48 -33.94
C4 FUC D . 20.96 -6.46 -35.11
C5 FUC D . 22.34 -6.64 -35.77
C6 FUC D . 22.33 -7.55 -37.01
O2 FUC D . 22.35 -5.24 -31.82
O3 FUC D . 19.91 -5.31 -33.28
O4 FUC D . 20.50 -7.70 -34.56
O5 FUC D . 23.19 -7.21 -34.79
O5 A2G D . 26.53 -4.67 -30.29
C1 A2G D . 27.08 -5.64 -31.20
C2 A2G D . 27.28 -6.99 -30.46
N2 A2G D . 27.94 -7.96 -31.35
C3 A2G D . 25.91 -7.48 -30.02
O3 A2G D . 26.05 -8.72 -29.29
C4 A2G D . 25.26 -6.43 -29.15
O4 A2G D . 25.95 -6.27 -27.90
C5 A2G D . 25.18 -5.05 -29.87
C6 A2G D . 24.61 -3.92 -28.98
O6 A2G D . 24.62 -2.69 -29.71
C7 A2G D . 29.25 -8.14 -31.17
O7 A2G D . 29.88 -7.54 -30.28
C8 A2G D . 29.94 -9.14 -32.09
C1 FUC D . 26.99 -9.01 -36.44
C2 FUC D . 27.28 -9.22 -34.94
C3 FUC D . 25.98 -9.25 -34.12
C4 FUC D . 25.17 -10.39 -34.69
C5 FUC D . 24.86 -10.11 -36.17
C6 FUC D . 23.91 -11.16 -36.71
O2 FUC D . 28.19 -8.25 -34.45
O3 FUC D . 26.20 -9.52 -32.74
O4 FUC D . 25.89 -11.61 -34.53
O5 FUC D . 26.05 -9.97 -36.96
#